data_1QCR
#
_entry.id   1QCR
#
_cell.length_a   153.500
_cell.length_b   153.500
_cell.length_c   597.700
_cell.angle_alpha   90.00
_cell.angle_beta   90.00
_cell.angle_gamma   90.00
#
_symmetry.space_group_name_H-M   'I 41 2 2'
#
loop_
_entity.id
_entity.type
_entity.pdbx_description
1 polymer 'UBIQUINOL CYTOCHROME C OXIDOREDUCTASE'
2 polymer 'UBIQUINOL CYTOCHROME C OXIDOREDUCTASE'
3 polymer 'UBIQUINOL CYTOCHROME C OXIDOREDUCTASE'
4 polymer 'UBIQUINOL CYTOCHROME C OXIDOREDUCTASE'
5 polymer 'UBIQUINOL CYTOCHROME C OXIDOREDUCTASE'
6 polymer 'UBIQUINOL CYTOCHROME C OXIDOREDUCTASE'
7 polymer 'UBIQUINOL CYTOCHROME C OXIDOREDUCTASE'
8 polymer 'UBIQUINOL CYTOCHROME C OXIDOREDUCTASE'
9 polymer 'UBIQUINOL CYTOCHROME C OXIDOREDUCTASE'
10 polymer 'UBIQUINOL CYTOCHROME C OXIDOREDUCTASE'
11 polymer 'UBIQUINOL CYTOCHROME C OXIDOREDUCTASE'
12 non-polymer 'PROTOPORPHYRIN IX CONTAINING FE'
#
loop_
_entity_poly.entity_id
_entity_poly.type
_entity_poly.pdbx_seq_one_letter_code
_entity_poly.pdbx_strand_id
1 'polypeptide(L)'
;TATYAQALQSVPETQVSQLDNGLRVASEQSSQPTCTVGVWIDAGSRYESEKNNGAGYFVEHLAFKGTKNRPGNALEKEVE
SMGAHLNAYSTREHTAYYIKALSKDLPKAVELLADIVQNCSLEDSQIEKERDVILQELQENDTSMRDVVFNYLHATAFQG
TPLAQSVEGPSENVRKLSRADLTEYLSRHYKAPRMVLAAAGGLEHRQLLDLAQKHFSGLSGTYDEDAVPTLSPCRFTGSQ
ICHREDGLPLAHVAIAVEGPGWAHPDNVALQVANAIIGHYDCTYGGGAHLSSPLASIAATNKLCQSFQTFNICYADTGLL
GAHFVCDHMSIDDMMFVLQGQWMRLCTSATESEVLRGKNLLRNALVSHLDGTTPVCEDIGRSLLTYGRRIPLAEWESRIA
EVDARVVREVCSKYFYDQCPAVAGFGPVEQLPDYNRIRSGMFWLRF
;
A
2 'polypeptide(L)'
;VPPHPQDLEFTRLPNGLVIASLENYAPASRIGLFIKAGSRYENSNNLGTSHLLRLASSLTTKGASSFKITRGIEAVGGKL
SVTSTRENMAYTVECLRDDVDILMEFLLNVTTAPEFRRWEVAALQPQLRIDKAVALQNPQAHVIENLHAAAYRNALANSL
YCPDYRIGKVTPVELHDYVQNHFTSARMALIGLGVSHPVLKQVAEQFLNIRGGLGLSGAKAKYHGGEIREQNGDSLVHAA
LVAESAAIGSAEANAFSVLQHVLGAGPHVKRGSNATSSLYQAVAKGVHQPFDVSAFNASYSDSGLFGFYTISQAASAGDV
IKAAYNQVKTIAQGNLSNPDVQAAKNKLKAGYLMSVESSEGFLDEVGSQALAAGSYTPPSTVLQQIDAVADADVINAAKK
FVSGRKSMAASGNLGHTPFIDEL
;
B
3 'polypeptide(L)'
;TNIRKSHPLMKIVNNAFIDLPAPSNISSWWNFGSLLGICLILQILTGLFLAMHYTSDTTTAFSSVTHICRDVNYGWIIRY
MHANGASMFFICLYMHVGRGLYYGSYTFLETWNIGVILLLTVMATAFMGYVLPWGQMSFWGATVITNLLSAIPYIGTNLV
EWIWGGFSVDKATLTRFFAFHFILPFIIMAIAMVHLLFLHETGSNNPTGISSDVDKIPFHPYYTIKDILGALLLILALML
LVLFAPDLLGDPDNYTPANPLNTPPHIKPEWYFLFAYAILRSIPNKLGGVLALAFSILILALIPLLHTSKQRSMMFRPLS
QCLFWALVADLLTLTWIGGQPVEHPYITIGQLASVLYFLLILVLMPTAGTIENKLLKW
;
C
4 'polypeptide(L)' EVLEFDDGTPATMSQVAKDVCTFLRWAAEPEHDHRKRMGLKMLLMMGLLLPLVYAMKRHKWSVLKSRKLAYRPPK D
5 'polypeptide(L)'
;SHTDIKVPDFSDYRRPEVLDSTKSSKESSEARKGFSYLVTATTTVGVAYAAKNVVSQFVSSMSASADVLAMSKIEIKLSD
IPEGKNMAFKWRGKPLFVRHRTKKEIDQEAAVEVSQLRDPQHDLERVKKPEWVILIGVCTHLGCVPIANAGDFGGYYCPC
HGSHYDASGRIRKGPAPLNLEVPSYEFTSDDMVIVG
;
E
6 'polypeptide(L)'
;ASSRWLEGIRKWYYNAAGFNKLGLMRDDTIHENDDVKEAIRRLPENLYDDRVFRIKRALDLSMRQQILPKEQWTKYEEDK
SYLEPYLKEVIRERKEREEWAKK
;
F
7 'polypeptide(L)' GRQFGHLTRVRHVITYSLSPFEQRAFPHYFSKGIPNVLRRTRACILRVAPPFVAFYLVYTWGTQEFEKSK G
8 'polypeptide(L)' TTVREQCEQLEKCVKARERLELCDERVSSRSQTEEDCTEELLDFLHARDHCVAHKLFNSL H
9 'polypeptide(L)' GVAGALRPLVQAAVPATSESPVLDLKRS I
10 'polypeptide(L)' TLTARLYSLLFRRTSTFALTIVVGALFFERAFDNGADAIYEHINEGKLWKHIKHKYENK J
11 'polypeptide(L)' MLTRFLGPRYRQLARNWVPTAQLWGAVGAVGLVSATDSRLILDWV K
#
loop_
_chem_comp.id
_chem_comp.type
_chem_comp.name
_chem_comp.formula
HEM non-polymer 'PROTOPORPHYRIN IX CONTAINING FE' 'C34 H32 Fe N4 O4'
#
# COMPACT_ATOMS: atom_id res chain seq x y z
CA THR A 1 33.12 -29.63 27.22
CA ALA A 2 34.48 -26.41 25.74
CA THR A 3 31.46 -24.54 27.09
CA TYR A 4 30.27 -22.05 24.56
CA ALA A 5 32.08 -19.89 27.20
CA GLN A 6 34.96 -20.56 24.90
CA ALA A 7 35.52 -17.05 23.82
CA LEU A 8 37.46 -16.13 26.88
CA GLN A 9 39.42 -19.36 27.20
CA SER A 10 40.00 -18.69 23.51
CA VAL A 11 40.04 -15.73 21.13
CA PRO A 12 43.16 -13.83 22.27
CA GLU A 13 42.58 -10.11 22.76
CA THR A 14 43.15 -7.78 19.85
CA GLN A 15 46.23 -5.65 20.54
CA VAL A 16 46.01 -1.90 19.73
CA SER A 17 48.62 0.95 19.95
CA GLN A 18 48.97 4.42 18.29
CA LEU A 19 51.97 5.27 16.20
CA ASP A 20 52.71 8.78 17.61
CA ASN A 21 50.74 10.66 15.01
CA GLY A 22 47.56 9.36 13.40
CA LEU A 23 48.16 5.63 13.01
CA ARG A 24 46.26 3.49 15.41
CA VAL A 25 47.56 -0.10 14.52
CA ALA A 26 45.82 -3.44 15.38
CA SER A 27 46.33 -7.21 15.39
CA GLU A 28 44.93 -10.59 16.55
CA GLN A 29 47.49 -13.41 16.64
CA SER A 30 45.94 -16.61 15.26
CA SER A 31 48.61 -19.21 15.35
CA GLN A 32 48.06 -19.52 11.59
CA PRO A 33 50.75 -19.58 8.82
CA THR A 34 48.79 -17.15 6.74
CA CYS A 35 47.36 -13.63 7.58
CA THR A 36 45.48 -10.59 6.29
CA VAL A 37 46.81 -7.02 6.47
CA GLY A 38 45.63 -3.75 5.03
CA VAL A 39 44.38 -0.38 5.94
CA TRP A 40 41.03 0.97 6.68
CA ILE A 41 40.93 4.69 5.89
CA ASP A 42 38.00 6.74 7.20
CA ALA A 43 36.86 8.16 3.82
CA GLY A 44 34.19 7.51 1.19
CA SER A 45 31.15 9.02 -0.53
CA ARG A 46 29.45 10.52 2.51
CA TYR A 47 32.40 13.00 2.54
CA GLU A 48 32.66 13.88 -1.15
CA SER A 49 31.02 17.12 -2.14
CA GLU A 50 28.43 16.74 -4.88
CA LYS A 51 30.81 17.88 -7.59
CA ASN A 52 33.43 15.55 -6.28
CA ASN A 53 31.50 12.27 -6.13
CA GLY A 54 33.03 8.94 -7.20
CA ALA A 55 36.36 10.48 -6.43
CA GLY A 56 37.37 7.80 -3.90
CA TYR A 57 35.96 5.19 -6.26
CA PHE A 58 38.25 6.75 -8.79
CA VAL A 59 41.17 6.81 -6.41
CA GLU A 60 40.61 3.11 -5.61
CA HIS A 61 40.61 2.51 -9.27
CA LEU A 62 44.09 3.93 -9.44
CA ALA A 63 45.64 2.73 -6.15
CA PHE A 64 47.15 -0.29 -7.97
CA LYS A 65 48.10 1.20 -11.35
CA GLY A 66 51.75 1.78 -10.48
CA THR A 67 53.27 3.73 -7.62
CA LYS A 68 56.13 6.13 -8.47
CA ASN A 69 58.43 4.63 -5.87
CA ARG A 70 57.14 1.39 -7.42
CA PRO A 71 57.28 1.56 -11.25
CA GLY A 72 53.66 1.14 -12.38
CA ASN A 73 53.35 -2.57 -13.05
CA ALA A 74 55.65 -3.35 -10.17
CA LEU A 75 53.01 -3.68 -7.50
CA GLU A 76 51.37 -6.57 -9.23
CA LYS A 77 54.73 -8.15 -10.14
CA GLU A 78 55.89 -8.61 -6.55
CA VAL A 79 52.51 -9.49 -5.11
CA GLU A 80 51.87 -11.92 -7.93
CA SER A 81 55.36 -13.29 -7.24
CA MET A 82 54.70 -14.28 -3.65
CA GLY A 83 51.34 -15.82 -4.36
CA ALA A 84 49.54 -13.01 -2.51
CA HIS A 85 46.35 -11.11 -3.05
CA LEU A 86 45.88 -7.46 -3.07
CA ASN A 87 42.50 -6.06 -2.70
CA ALA A 88 40.41 -3.13 -1.67
CA TYR A 89 36.89 -1.77 -1.49
CA SER A 90 35.16 1.41 -0.60
CA THR A 91 31.72 2.34 0.52
CA ARG A 92 29.89 5.51 1.50
CA GLU A 93 31.46 5.68 4.98
CA HIS A 94 34.54 3.48 4.46
CA THR A 95 37.56 2.52 2.38
CA ALA A 96 40.17 -0.29 2.75
CA TYR A 97 43.10 -1.87 0.88
CA TYR A 98 44.17 -5.47 2.09
CA ILE A 99 46.92 -7.87 1.06
CA LYS A 100 46.36 -11.53 1.73
CA ALA A 101 49.75 -13.30 1.86
CA LEU A 102 51.81 -15.75 3.89
CA SER A 103 52.34 -14.29 7.32
CA LYS A 104 56.06 -14.51 6.71
CA ASP A 105 55.95 -12.09 3.83
CA LEU A 106 54.01 -10.05 6.35
CA PRO A 107 56.67 -7.28 6.10
CA LYS A 108 56.87 -6.84 2.31
CA ALA A 109 53.13 -6.88 2.24
CA VAL A 110 53.15 -4.01 4.73
CA GLU A 111 55.84 -2.13 2.94
CA LEU A 112 53.93 -2.03 -0.42
CA LEU A 113 50.77 -1.32 1.47
CA ALA A 114 52.31 2.00 2.42
CA ASP A 115 53.72 2.84 -0.99
CA ILE A 116 50.12 2.31 -2.19
CA VAL A 117 48.38 4.51 0.32
CA GLN A 118 50.61 7.53 0.37
CA ASN A 119 53.05 7.55 -2.55
CA CYS A 120 50.20 6.68 -4.90
CA SER A 121 51.83 7.35 -8.30
CA LEU A 122 48.97 8.84 -10.22
CA GLU A 123 50.19 9.59 -13.75
CA ASP A 124 47.66 11.34 -16.02
CA SER A 125 48.89 8.70 -18.47
CA GLN A 126 46.68 6.09 -16.80
CA ILE A 127 43.87 7.88 -14.97
CA GLU A 128 42.55 9.01 -18.23
CA LYS A 129 41.67 5.37 -18.73
CA GLU A 130 39.98 4.49 -15.52
CA ARG A 131 37.70 7.28 -16.70
CA ASP A 132 36.83 4.90 -19.41
CA VAL A 133 36.81 1.57 -17.46
CA ILE A 134 34.70 3.00 -14.63
CA LEU A 135 32.25 4.59 -17.11
CA GLN A 136 31.72 1.05 -18.35
CA GLU A 137 31.26 -0.53 -14.90
CA LEU A 138 28.20 1.66 -14.67
CA GLN A 139 26.74 0.51 -18.03
CA GLU A 140 27.27 -2.66 -15.98
CA ASN A 141 25.95 -2.11 -12.42
CA ASP A 142 22.90 -0.62 -14.07
CA THR A 143 21.77 -4.10 -14.74
CA SER A 144 21.67 -5.41 -11.21
CA MET A 145 18.25 -4.40 -10.05
CA ARG A 146 19.53 -5.00 -6.56
CA ASP A 147 22.45 -2.59 -6.43
CA VAL A 148 20.39 0.00 -8.26
CA VAL A 149 17.55 -0.46 -5.86
CA PHE A 150 19.76 -0.01 -2.88
CA ASN A 151 21.12 3.13 -4.43
CA TYR A 152 17.68 4.54 -5.22
CA LEU A 153 16.64 3.90 -1.69
CA HIS A 154 19.77 5.47 -0.28
CA ALA A 155 19.27 8.61 -2.22
CA THR A 156 15.54 8.81 -1.31
CA ALA A 157 15.97 8.01 2.32
CA PHE A 158 18.56 10.66 2.33
CA GLN A 159 16.71 12.91 -0.23
CA GLY A 160 19.03 15.83 0.37
CA THR A 161 22.00 14.74 2.53
CA PRO A 162 25.21 13.46 0.82
CA LEU A 163 24.70 10.08 2.48
CA ALA A 164 22.15 9.86 -0.31
CA GLN A 165 24.93 9.42 -2.78
CA SER A 166 26.42 6.68 -4.97
CA VAL A 167 29.92 5.46 -4.22
CA GLU A 168 31.04 5.37 -7.90
CA GLY A 169 30.03 8.87 -9.01
CA PRO A 170 27.26 10.10 -11.45
CA SER A 171 29.32 9.56 -14.64
CA GLU A 172 30.25 13.20 -14.87
CA ASN A 173 33.00 13.61 -12.39
CA VAL A 174 33.67 10.24 -13.94
CA ARG A 175 34.71 11.86 -17.22
CA LYS A 176 35.03 15.46 -16.11
CA LEU A 177 36.83 16.47 -12.94
CA SER A 178 40.36 15.20 -12.63
CA ARG A 179 43.90 14.75 -11.48
CA ALA A 180 43.87 17.57 -8.99
CA ASP A 181 40.62 16.95 -7.15
CA LEU A 182 42.15 13.52 -6.57
CA THR A 183 45.60 14.45 -5.11
CA GLU A 184 43.30 16.90 -3.33
CA TYR A 185 40.71 14.45 -1.92
CA LEU A 186 43.85 12.54 -1.02
CA SER A 187 45.88 15.14 0.95
CA ARG A 188 42.51 16.00 2.42
CA HIS A 189 41.56 12.57 3.76
CA TYR A 190 44.37 9.98 3.71
CA LYS A 191 45.70 11.43 6.95
CA ALA A 192 46.79 9.16 9.73
CA PRO A 193 44.19 9.87 12.47
CA ARG A 194 41.66 8.49 9.99
CA MET A 195 43.25 5.26 8.83
CA VAL A 196 44.25 1.93 10.42
CA LEU A 197 46.81 -0.75 9.67
CA ALA A 198 45.19 -4.11 10.53
CA ALA A 199 46.66 -7.64 10.46
CA ALA A 200 45.30 -11.10 11.39
CA GLY A 201 47.14 -14.41 11.83
CA GLY A 202 50.72 -15.61 12.05
CA LEU A 203 52.45 -12.59 13.62
CA GLU A 204 53.19 -10.81 16.89
CA HIS A 205 51.90 -7.27 17.49
CA ARG A 206 55.35 -5.72 17.92
CA GLN A 207 56.82 -6.99 14.66
CA LEU A 208 53.80 -5.18 13.19
CA LEU A 209 54.16 -1.93 15.06
CA ASP A 210 57.97 -1.84 14.89
CA LEU A 211 57.10 -2.28 11.25
CA ALA A 212 54.00 -0.09 11.08
CA GLN A 213 56.58 2.63 11.32
CA LYS A 214 59.46 1.52 9.24
CA HIS A 215 56.99 2.49 6.52
CA PHE A 216 53.92 4.45 7.57
CA SER A 217 55.68 7.30 9.37
CA GLY A 218 53.67 10.47 9.56
CA LEU A 219 51.94 9.86 6.26
CA SER A 220 50.10 12.67 8.00
CA GLY A 221 53.69 13.77 8.75
CA THR A 222 53.51 17.27 10.24
CA TYR A 223 49.86 18.36 10.09
CA ASP A 224 47.96 21.67 10.38
CA GLU A 225 44.61 22.71 11.93
CA ASP A 226 43.80 25.21 9.19
CA ALA A 227 42.82 21.66 8.04
CA VAL A 228 41.22 20.35 4.86
CA PRO A 229 39.69 16.94 6.33
CA THR A 230 36.57 16.60 8.60
CA LEU A 231 33.05 16.90 10.29
CA SER A 232 29.53 15.16 9.77
CA PRO A 233 25.60 15.99 9.80
CA CYS A 234 23.05 13.96 7.54
CA ARG A 235 19.15 14.11 7.57
CA PHE A 236 16.55 11.30 6.81
CA THR A 237 13.24 11.59 5.00
CA GLY A 238 11.19 8.63 3.96
CA SER A 239 9.96 9.25 0.45
CA GLN A 240 9.54 6.62 -2.32
CA ILE A 241 10.78 6.02 -5.86
CA CYS A 242 8.70 3.87 -8.13
CA HIS A 243 10.54 3.13 -11.44
CA ARG A 244 8.05 1.32 -13.58
CA GLU A 245 9.87 -0.87 -16.06
CA ASP A 246 7.46 -3.58 -17.21
CA GLY A 247 10.31 -4.80 -19.33
CA LEU A 248 12.05 -6.64 -16.58
CA PRO A 249 10.78 -10.14 -15.48
CA LEU A 250 10.49 -9.12 -11.88
CA ALA A 251 10.21 -6.33 -9.40
CA HIS A 252 12.76 -5.56 -6.76
CA VAL A 253 11.39 -3.66 -3.76
CA ALA A 254 13.04 -2.08 -0.72
CA ILE A 255 11.26 -0.77 2.41
CA ALA A 256 13.09 0.74 5.34
CA VAL A 257 12.52 3.06 8.29
CA GLU A 258 15.35 5.10 9.77
CA GLY A 259 17.89 3.24 11.84
CA PRO A 260 20.05 4.30 14.78
CA GLY A 261 23.76 4.26 13.99
CA TRP A 262 27.05 2.44 14.36
CA ALA A 263 27.33 3.07 18.13
CA HIS A 264 23.83 2.60 19.41
CA PRO A 265 23.57 -0.60 21.53
CA ASP A 266 19.93 -1.34 20.66
CA ASN A 267 21.15 -2.37 17.17
CA VAL A 268 21.80 -5.77 18.65
CA ALA A 269 18.18 -6.29 19.61
CA LEU A 270 16.87 -5.16 16.19
CA GLN A 271 19.29 -7.64 14.58
CA VAL A 272 17.89 -10.29 16.83
CA ALA A 273 14.39 -9.33 15.65
CA ASN A 274 15.81 -9.16 12.16
CA ALA A 275 16.85 -12.79 12.35
CA ILE A 276 13.43 -13.87 13.69
CA ILE A 277 12.12 -12.28 10.51
CA GLY A 278 14.62 -14.15 8.41
CA HIS A 279 15.73 -14.16 4.81
CA TYR A 280 14.28 -16.68 2.41
CA ASP A 281 15.25 -17.50 -1.19
CA CYS A 282 14.09 -20.18 -3.56
CA THR A 283 16.74 -22.85 -3.38
CA TYR A 284 16.40 -23.11 0.39
CA GLY A 285 15.50 -26.69 1.19
CA GLY A 286 13.30 -25.87 4.18
CA GLY A 287 10.35 -24.10 2.59
CA ALA A 288 7.01 -25.10 4.04
CA HIS A 289 8.33 -25.65 7.50
CA LEU A 290 10.90 -22.89 7.96
CA SER A 291 10.51 -21.08 11.36
CA SER A 292 9.94 -17.41 10.32
CA PRO A 293 6.32 -16.97 9.35
CA LEU A 294 7.67 -14.88 6.54
CA ALA A 295 9.72 -17.42 4.68
CA SER A 296 7.09 -19.98 5.56
CA ILE A 297 4.28 -18.01 4.01
CA ALA A 298 6.53 -17.05 1.14
CA ALA A 299 7.75 -20.49 -0.01
CA THR A 300 4.31 -22.02 0.29
CA ASN A 301 2.42 -19.28 -1.59
CA LYS A 302 5.61 -18.18 -3.36
CA LEU A 303 4.73 -14.67 -2.18
CA CYS A 304 8.17 -13.82 -3.49
CA GLN A 305 11.33 -15.44 -4.90
CA SER A 306 14.06 -14.37 -2.48
CA PHE A 307 14.15 -11.62 0.20
CA GLN A 308 16.71 -10.38 2.84
CA THR A 309 16.48 -8.26 6.00
CA PHE A 310 19.21 -5.57 6.51
CA ASN A 311 20.25 -3.21 9.25
CA ILE A 312 22.58 -0.93 7.43
CA CYS A 313 24.49 1.41 9.63
CA TYR A 314 26.41 4.59 8.93
CA ALA A 315 27.15 7.45 11.33
CA ASP A 316 24.35 8.71 13.45
CA THR A 317 21.80 6.93 11.37
CA GLY A 318 20.90 3.86 9.41
CA LEU A 319 18.74 1.97 6.97
CA LEU A 320 16.68 -0.56 8.91
CA GLY A 321 14.52 -2.92 6.99
CA ALA A 322 13.74 -5.56 4.51
CA HIS A 323 14.23 -5.79 0.74
CA PHE A 324 12.80 -8.35 -1.72
CA VAL A 325 12.09 -9.53 -5.26
CA CYS A 326 9.25 -11.38 -6.97
CA ASP A 327 6.71 -11.69 -9.79
CA HIS A 328 4.41 -8.76 -10.26
CA MET A 329 1.34 -9.82 -8.26
CA SER A 330 3.08 -11.23 -5.41
CA ILE A 331 3.88 -7.63 -4.83
CA ASP A 332 1.01 -6.72 -2.54
CA ASP A 333 0.77 -9.59 -0.08
CA MET A 334 4.55 -9.64 -0.10
CA MET A 335 4.57 -6.20 1.43
CA PHE A 336 1.60 -7.10 3.48
CA VAL A 337 3.31 -9.99 5.05
CA LEU A 338 6.65 -8.20 5.41
CA GLN A 339 4.58 -5.65 7.39
CA GLY A 340 3.01 -8.72 8.90
CA GLN A 341 6.13 -9.67 10.68
CA TRP A 342 7.33 -6.23 11.60
CA MET A 343 4.12 -5.11 13.34
CA ARG A 344 3.57 -8.54 14.95
CA LEU A 345 7.12 -8.29 16.27
CA CYS A 346 7.14 -4.78 17.73
CA THR A 347 3.66 -5.51 19.09
CA SER A 348 3.32 -9.03 20.36
CA ALA A 349 6.72 -10.71 20.16
CA THR A 350 7.03 -13.92 22.27
CA GLU A 351 9.97 -15.52 24.13
CA SER A 352 10.62 -18.67 22.09
CA GLU A 353 11.70 -16.76 18.94
CA VAL A 354 13.81 -14.12 20.65
CA LEU A 355 15.73 -17.23 21.65
CA ARG A 356 16.08 -18.25 17.96
CA GLY A 357 17.48 -14.94 16.95
CA LYS A 358 19.99 -14.66 19.77
CA ASN A 359 20.74 -18.08 18.53
CA LEU A 360 21.19 -17.37 14.71
CA LEU A 361 22.78 -14.17 15.70
CA ARG A 362 25.24 -15.99 17.94
CA ASN A 363 26.22 -18.48 15.12
CA ALA A 364 26.29 -15.74 12.61
CA LEU A 365 28.73 -13.89 14.75
CA VAL A 366 31.03 -16.86 15.10
CA SER A 367 30.82 -18.51 11.70
CA HIS A 368 31.77 -15.20 10.32
CA LEU A 369 34.84 -14.45 12.29
CA ASP A 370 37.25 -17.20 11.30
CA GLY A 371 39.12 -16.33 8.14
CA THR A 372 42.05 -14.09 9.06
CA THR A 373 40.79 -11.92 6.28
CA PRO A 374 37.27 -11.45 7.61
CA VAL A 375 38.88 -10.73 10.99
CA CYS A 376 41.46 -8.36 9.71
CA GLU A 377 38.33 -6.57 8.66
CA ASP A 378 36.15 -6.56 11.87
CA ILE A 379 39.19 -5.14 13.76
CA GLY A 380 40.67 -2.70 11.27
CA ARG A 381 37.15 -1.31 10.83
CA SER A 382 35.46 -1.84 14.19
CA LEU A 383 38.43 0.09 15.45
CA LEU A 384 37.77 3.40 13.71
CA THR A 385 34.01 2.89 14.18
CA TYR A 386 33.76 1.53 17.75
CA GLY A 387 37.02 3.13 19.03
CA ARG A 388 37.54 -0.34 20.36
CA ARG A 389 37.27 -3.96 19.18
CA ILE A 390 34.17 -5.45 20.75
CA PRO A 391 35.23 -8.85 22.07
CA LEU A 392 33.14 -11.91 21.27
CA ALA A 393 32.65 -12.31 25.00
CA GLU A 394 30.88 -8.90 25.10
CA TRP A 395 28.80 -9.39 21.93
CA GLU A 396 27.62 -12.60 23.43
CA SER A 397 26.75 -10.96 26.64
CA ARG A 398 24.95 -8.11 24.91
CA ILE A 399 23.05 -10.52 22.79
CA ALA A 400 22.07 -12.57 25.85
CA GLU A 401 20.25 -9.66 27.53
CA VAL A 402 17.78 -9.20 24.73
CA ASP A 403 14.47 -10.89 25.53
CA ALA A 404 10.92 -10.91 24.24
CA ARG A 405 10.14 -7.49 25.70
CA VAL A 406 13.38 -6.01 24.42
CA VAL A 407 12.79 -7.08 20.82
CA ARG A 408 9.27 -5.59 20.63
CA GLU A 409 10.20 -2.67 22.81
CA VAL A 410 13.33 -1.84 20.75
CA CYS A 411 11.14 -2.61 17.72
CA SER A 412 8.14 -0.44 18.63
CA LYS A 413 10.71 2.34 18.54
CA TYR A 414 12.25 2.34 15.04
CA PHE A 415 9.34 0.54 13.37
CA TYR A 416 6.20 1.65 15.21
CA ASP A 417 4.10 4.06 13.26
CA GLN A 418 7.23 5.45 11.69
CA CYS A 419 7.63 6.31 8.01
CA PRO A 420 9.44 3.94 5.69
CA ALA A 421 11.61 4.83 2.71
CA VAL A 422 9.96 2.75 -0.03
CA ALA A 423 12.16 2.16 -3.11
CA GLY A 424 10.97 0.01 -6.04
CA PHE A 425 12.01 -0.86 -9.58
CA GLY A 426 10.59 -3.20 -12.21
CA PRO A 427 6.97 -4.30 -13.05
CA VAL A 428 5.80 -2.48 -9.93
CA GLU A 429 2.28 -1.67 -11.31
CA GLN A 430 0.93 -2.99 -8.08
CA LEU A 431 3.59 -2.08 -5.61
CA PRO A 432 1.14 -0.44 -3.34
CA ASP A 433 0.79 3.25 -2.45
CA TYR A 434 3.06 5.09 0.05
CA ASN A 435 -0.08 6.27 1.79
CA ARG A 436 -0.92 2.64 2.24
CA ILE A 437 2.58 1.46 2.95
CA ARG A 438 2.12 3.91 5.84
CA SER A 439 -1.21 2.79 7.40
CA GLY A 440 0.47 -0.61 7.38
CA MET A 441 2.70 0.62 10.15
CA PHE A 442 0.45 1.07 13.14
CA TRP A 443 -2.38 -0.67 15.02
CA LEU A 444 -2.15 -3.62 12.74
CA ARG A 445 -5.68 -3.70 11.40
CA PHE A 446 -9.07 -5.13 12.12
CA VAL B 1 49.03 -14.92 21.40
CA PRO B 2 46.81 -18.16 21.46
CA PRO B 3 47.30 -21.28 23.77
CA HIS B 4 48.01 -25.04 23.13
CA PRO B 5 47.39 -25.75 19.39
CA GLN B 6 45.88 -29.36 19.28
CA ASP B 7 46.73 -32.26 16.90
CA LEU B 8 44.29 -33.63 14.42
CA GLU B 9 43.30 -37.10 15.36
CA PHE B 10 42.84 -39.67 12.60
CA THR B 11 41.47 -43.25 13.04
CA ARG B 12 40.66 -45.82 10.37
CA LEU B 13 38.05 -48.18 11.70
CA PRO B 14 38.37 -51.78 10.45
CA ASN B 15 35.06 -51.84 8.46
CA GLY B 16 36.67 -49.13 6.36
CA LEU B 17 35.20 -45.96 7.84
CA VAL B 18 37.56 -43.19 8.79
CA ILE B 19 37.46 -40.56 11.43
CA ALA B 20 39.09 -37.17 11.77
CA SER B 21 38.92 -34.14 13.99
CA LEU B 22 40.88 -31.26 15.50
CA GLU B 23 39.95 -30.39 19.10
CA ASN B 24 40.54 -26.70 18.22
CA TYR B 25 38.77 -24.40 20.52
CA ALA B 26 35.86 -22.90 18.73
CA PRO B 27 32.75 -21.11 19.70
CA ALA B 28 31.03 -23.23 17.00
CA SER B 29 31.43 -26.70 15.61
CA ARG B 30 31.41 -28.49 12.28
CA ILE B 31 30.86 -32.20 11.72
CA GLY B 32 30.70 -33.50 8.18
CA LEU B 33 29.89 -36.82 6.72
CA PHE B 34 31.90 -37.25 3.44
CA ILE B 35 30.41 -40.16 1.52
CA LYS B 36 32.04 -41.48 -1.76
CA ALA B 37 28.56 -41.25 -3.48
CA GLY B 38 29.07 -38.58 -6.18
CA SER B 39 27.36 -38.17 -9.53
CA ARG B 40 29.85 -40.45 -11.06
CA TYR B 41 28.11 -43.61 -9.84
CA GLU B 42 24.80 -42.63 -11.19
CA ASN B 43 24.32 -44.57 -14.40
CA SER B 44 22.66 -45.20 -17.73
CA ASN B 45 19.40 -45.73 -15.72
CA ASN B 46 19.41 -43.62 -12.58
CA LEU B 47 20.79 -40.15 -13.56
CA GLY B 48 20.21 -37.36 -11.10
CA THR B 49 19.06 -39.81 -8.51
CA SER B 50 22.23 -38.41 -6.97
CA HIS B 51 21.09 -34.80 -7.56
CA LEU B 52 17.48 -35.28 -6.51
CA LEU B 53 18.84 -37.05 -3.43
CA ARG B 54 21.18 -34.12 -2.80
CA LEU B 55 18.23 -31.76 -2.82
CA ALA B 56 16.26 -33.91 -0.50
CA SER B 57 18.23 -33.39 2.77
CA SER B 58 15.33 -32.75 4.97
CA LEU B 59 12.57 -35.17 3.97
CA THR B 60 11.46 -37.08 7.11
CA THR B 61 13.88 -39.69 8.54
CA LYS B 62 12.95 -42.46 11.01
CA GLY B 63 13.44 -40.43 14.12
CA ALA B 64 13.38 -36.89 12.99
CA SER B 65 10.43 -35.56 11.05
CA SER B 66 11.18 -32.93 8.36
CA PHE B 67 9.33 -30.35 10.36
CA LYS B 68 11.51 -31.35 13.31
CA ILE B 69 14.75 -31.45 11.38
CA THR B 70 13.92 -28.00 10.21
CA ARG B 71 12.75 -26.05 13.27
CA GLY B 72 15.05 -28.31 15.34
CA ILE B 73 18.14 -27.13 13.57
CA GLU B 74 16.74 -23.62 13.11
CA ALA B 75 15.75 -23.36 16.78
CA VAL B 76 19.54 -23.65 17.59
CA GLY B 77 20.90 -21.32 14.91
CA GLY B 78 22.44 -24.22 13.08
CA LYS B 79 22.84 -25.21 9.43
CA LEU B 80 22.72 -28.51 7.44
CA SER B 81 23.95 -28.89 3.92
CA VAL B 82 24.82 -31.38 1.29
CA THR B 83 27.51 -30.76 -1.38
CA SER B 84 27.49 -33.24 -4.20
CA THR B 85 30.41 -33.55 -6.74
CA ARG B 86 30.60 -36.43 -9.35
CA GLU B 87 33.16 -38.00 -7.01
CA ASN B 88 31.26 -37.51 -3.77
CA MET B 89 28.80 -35.97 -1.38
CA ALA B 90 29.11 -34.35 1.95
CA TYR B 91 26.33 -33.83 4.34
CA THR B 92 27.64 -31.18 6.72
CA VAL B 93 26.27 -29.63 9.77
CA GLU B 94 27.50 -26.78 11.90
CA CYS B 95 26.30 -25.10 15.00
CA LEU B 96 27.43 -24.23 18.51
CA ARG B 97 29.81 -26.07 20.84
CA ASP B 98 26.98 -27.16 23.11
CA ASP B 99 24.60 -28.18 20.38
CA VAL B 100 26.88 -30.61 18.58
CA ASP B 101 25.38 -33.63 20.15
CA ILE B 102 21.89 -32.57 19.01
CA LEU B 103 22.54 -31.86 15.24
CA MET B 104 24.77 -34.86 15.14
CA GLU B 105 21.75 -36.99 15.55
CA PHE B 106 19.68 -35.36 12.77
CA LEU B 107 22.89 -35.42 10.72
CA LEU B 108 23.03 -39.19 11.23
CA ASN B 109 19.35 -39.69 10.43
CA VAL B 110 19.57 -37.77 7.18
CA THR B 111 22.40 -39.86 6.03
CA THR B 112 21.52 -43.16 7.51
CA ALA B 113 17.83 -43.55 8.00
CA PRO B 114 16.00 -41.66 5.24
CA GLU B 115 12.40 -42.47 4.67
CA PHE B 116 12.21 -41.27 1.10
CA ARG B 117 8.43 -41.13 1.20
CA ARG B 118 6.37 -41.30 -1.98
CA TRP B 119 4.60 -38.01 -1.29
CA GLU B 120 7.52 -35.94 -0.21
CA VAL B 121 9.82 -36.91 -3.06
CA ALA B 122 6.83 -36.31 -5.26
CA ALA B 123 6.58 -32.81 -4.05
CA LEU B 124 10.18 -32.11 -4.36
CA GLN B 125 10.94 -33.18 -7.88
CA PRO B 126 10.09 -29.68 -9.07
CA GLN B 127 12.97 -28.29 -7.26
CA LEU B 128 15.22 -29.84 -9.74
CA ARG B 129 14.15 -27.32 -12.46
CA ILE B 130 14.54 -24.31 -10.11
CA ASP B 131 17.71 -25.87 -8.76
CA LYS B 132 19.15 -26.64 -12.23
CA ALA B 133 18.08 -23.23 -13.67
CA VAL B 134 19.69 -21.25 -10.87
CA ALA B 135 23.12 -22.73 -11.78
CA LEU B 136 22.88 -23.41 -15.44
CA GLN B 137 22.53 -19.64 -15.65
CA ASN B 138 26.41 -19.48 -15.79
CA PRO B 139 27.94 -20.35 -19.09
CA GLN B 140 30.71 -21.96 -17.12
CA ALA B 141 28.40 -24.50 -15.48
CA HIS B 142 26.86 -25.29 -18.81
CA VAL B 143 30.25 -25.57 -20.46
CA ILE B 144 32.10 -27.73 -17.93
CA GLU B 145 29.20 -30.17 -17.73
CA ASN B 146 29.56 -30.76 -21.44
CA LEU B 147 33.38 -30.47 -21.28
CA HIS B 148 32.93 -33.53 -19.16
CA ALA B 149 29.97 -35.24 -20.70
CA ALA B 150 32.23 -34.94 -23.62
CA ALA B 151 35.67 -35.97 -22.51
CA TYR B 152 34.83 -39.14 -20.61
CA ARG B 153 32.29 -41.68 -21.63
CA ASN B 154 30.50 -43.42 -18.87
CA ALA B 155 30.82 -41.84 -15.50
CA LEU B 156 32.42 -38.53 -15.01
CA ALA B 157 30.35 -37.82 -18.11
CA ASN B 158 27.33 -38.04 -15.87
CA SER B 159 26.67 -34.46 -14.73
CA LEU B 160 25.61 -33.05 -11.40
CA TYR B 161 22.19 -32.06 -12.51
CA CYS B 162 19.26 -34.30 -12.98
CA PRO B 163 19.07 -34.28 -16.67
CA ASP B 164 15.80 -33.14 -18.00
CA TYR B 165 14.17 -36.27 -19.23
CA ARG B 166 14.47 -37.34 -15.62
CA ILE B 167 13.18 -34.37 -13.58
CA GLY B 168 9.97 -35.84 -12.29
CA LYS B 169 10.96 -39.44 -12.92
CA VAL B 170 13.18 -40.45 -10.06
CA THR B 171 11.25 -42.88 -7.89
CA PRO B 172 11.78 -43.05 -4.14
CA VAL B 173 12.80 -46.70 -4.41
CA GLU B 174 15.50 -45.32 -6.70
CA LEU B 175 16.76 -42.97 -3.96
CA HIS B 176 16.72 -45.84 -1.45
CA ASP B 177 19.11 -47.88 -3.53
CA TYR B 178 21.53 -45.18 -4.33
CA VAL B 179 21.57 -44.76 -0.58
CA GLN B 180 21.97 -48.31 0.61
CA ASN B 181 24.52 -49.43 -1.87
CA HIS B 182 26.48 -46.17 -1.79
CA PHE B 183 26.12 -44.56 1.71
CA THR B 184 27.99 -47.35 3.44
CA SER B 185 30.79 -47.63 5.97
CA ALA B 186 33.38 -48.60 3.46
CA ARG B 187 32.83 -45.49 1.32
CA MET B 188 32.44 -43.00 4.21
CA ALA B 189 34.34 -40.51 6.43
CA LEU B 190 33.33 -38.75 9.64
CA ILE B 191 34.81 -35.47 10.28
CA GLY B 192 34.69 -33.54 13.35
CA LEU B 193 36.22 -30.24 13.87
CA GLY B 194 35.69 -28.79 17.26
CA VAL B 195 34.46 -32.06 18.70
CA SER B 196 36.20 -34.74 20.79
CA HIS B 197 37.10 -37.76 18.70
CA PRO B 198 36.50 -40.49 21.13
CA VAL B 199 33.03 -38.94 20.92
CA LEU B 200 33.07 -39.35 17.10
CA LYS B 201 34.75 -42.72 17.30
CA GLN B 202 31.77 -43.67 19.49
CA VAL B 203 29.17 -42.26 17.03
CA ALA B 204 31.05 -43.88 14.20
CA GLU B 205 31.32 -47.17 16.06
CA GLN B 206 27.57 -47.06 16.89
CA PHE B 207 25.57 -45.77 13.90
CA LEU B 208 27.86 -45.55 10.98
CA ASN B 209 28.83 -49.17 10.75
CA ILE B 210 26.77 -50.22 7.70
CA ARG B 211 27.69 -52.46 4.76
CA GLY B 212 26.00 -53.74 1.63
CA GLY B 213 26.95 -51.39 -1.15
CA LEU B 214 29.73 -51.44 -3.63
CA GLY B 215 33.41 -50.53 -3.92
CA LEU B 216 32.91 -52.45 -7.16
CA SER B 217 31.53 -51.56 -10.63
CA GLY B 218 32.21 -47.76 -10.57
CA ALA B 219 34.64 -48.56 -13.31
CA LYS B 220 37.55 -46.63 -14.67
CA ALA B 221 36.71 -43.24 -16.00
CA LYS B 222 37.14 -44.46 -19.56
CA TYR B 223 38.54 -41.37 -21.37
CA HIS B 224 37.81 -40.79 -25.06
CA GLY B 225 38.01 -37.17 -26.12
CA GLY B 226 35.43 -35.52 -28.32
CA GLU B 227 33.89 -32.09 -28.55
CA ILE B 228 30.39 -30.77 -27.99
CA ARG B 229 29.01 -27.33 -28.54
CA GLU B 230 25.98 -25.15 -27.87
CA GLN B 231 24.95 -22.10 -29.97
CA ASN B 232 23.81 -19.46 -27.39
CA GLY B 233 23.79 -15.84 -28.54
CA ASP B 234 25.57 -14.23 -25.57
CA SER B 235 27.78 -11.96 -27.74
CA LEU B 236 30.43 -13.61 -25.61
CA VAL B 237 31.56 -17.20 -26.14
CA HIS B 238 33.03 -19.53 -23.62
CA ALA B 239 35.28 -22.37 -24.49
CA ALA B 240 37.33 -24.83 -22.53
CA LEU B 241 39.55 -27.14 -24.54
CA VAL B 242 41.36 -29.89 -22.77
CA ALA B 243 43.15 -33.25 -22.48
CA GLU B 244 43.37 -36.09 -20.03
CA SER B 245 46.17 -35.47 -17.50
CA ALA B 246 46.94 -37.12 -14.15
CA ALA B 247 44.74 -38.43 -11.26
CA ILE B 248 44.78 -36.99 -7.73
CA GLY B 249 47.60 -37.66 -5.31
CA SER B 250 49.75 -38.80 -8.25
CA ALA B 251 53.05 -36.92 -8.35
CA GLU B 252 52.44 -36.08 -11.97
CA ALA B 253 49.22 -34.38 -10.98
CA ASN B 254 51.17 -32.01 -8.72
CA ALA B 255 53.24 -31.04 -11.71
CA PHE B 256 50.01 -30.05 -13.39
CA SER B 257 48.68 -27.93 -10.56
CA VAL B 258 52.11 -26.27 -10.82
CA LEU B 259 51.92 -25.71 -14.58
CA GLN B 260 48.42 -24.31 -13.98
CA HIS B 261 49.81 -21.47 -11.94
CA VAL B 262 52.42 -21.04 -14.59
CA LEU B 263 49.79 -20.47 -17.28
CA GLY B 264 47.84 -18.74 -14.60
CA ALA B 265 44.34 -18.98 -13.33
CA GLY B 266 42.80 -16.65 -10.82
CA PRO B 267 43.79 -12.97 -10.18
CA HIS B 268 45.82 -11.77 -7.17
CA VAL B 269 45.33 -7.99 -7.57
CA LYS B 270 42.02 -6.28 -8.09
CA ARG B 271 41.39 -4.82 -11.57
CA GLY B 272 45.00 -5.33 -12.55
CA SER B 273 46.88 -6.88 -15.47
CA ASN B 274 47.27 -10.50 -14.91
CA ALA B 275 50.97 -9.63 -14.87
CA THR B 276 52.51 -13.08 -14.68
CA SER B 277 49.83 -15.12 -16.39
CA SER B 278 51.72 -16.28 -19.51
CA LEU B 279 48.52 -17.46 -21.13
CA TYR B 280 46.89 -14.15 -20.37
CA GLN B 281 49.59 -11.73 -21.56
CA ALA B 282 50.05 -14.27 -24.35
CA VAL B 283 46.45 -13.70 -25.43
CA ALA B 284 46.27 -9.88 -25.11
CA LYS B 285 49.23 -9.07 -27.35
CA GLY B 286 47.21 -10.67 -30.14
CA VAL B 287 43.72 -9.76 -29.01
CA HIS B 288 43.00 -6.15 -28.36
CA GLN B 289 39.51 -6.37 -26.85
CA PRO B 290 37.65 -7.88 -23.81
CA PHE B 291 38.48 -11.51 -22.97
CA ASP B 292 39.60 -13.84 -20.21
CA VAL B 293 41.79 -16.97 -20.06
CA SER B 294 43.05 -19.62 -17.65
CA ALA B 295 44.54 -22.89 -17.00
CA PHE B 296 41.79 -25.39 -16.19
CA ASN B 297 42.45 -28.12 -13.71
CA ALA B 298 40.34 -30.94 -12.43
CA SER B 299 41.77 -34.03 -10.81
CA TYR B 300 39.74 -37.03 -10.07
CA SER B 301 40.23 -40.50 -8.55
CA ASP B 302 40.70 -42.51 -11.63
CA SER B 303 41.61 -39.80 -14.16
CA GLY B 304 42.13 -36.10 -14.53
CA LEU B 305 41.48 -33.26 -17.00
CA PHE B 306 43.79 -30.27 -17.57
CA GLY B 307 43.80 -27.45 -20.19
CA PHE B 308 42.51 -23.91 -20.60
CA TYR B 309 39.41 -21.91 -20.56
CA THR B 310 38.33 -18.83 -22.53
CA ILE B 311 35.70 -16.23 -22.44
CA SER B 312 35.64 -13.83 -25.37
CA GLN B 313 33.64 -12.20 -28.09
CA ALA B 314 32.62 -14.44 -30.98
CA ALA B 315 34.92 -13.40 -33.91
CA SER B 316 37.86 -12.96 -31.52
CA ALA B 317 37.14 -16.50 -30.01
CA GLY B 318 38.94 -18.41 -32.68
CA ASP B 319 41.93 -16.15 -32.13
CA VAL B 320 41.89 -16.01 -28.36
CA ILE B 321 41.79 -19.80 -28.26
CA LYS B 322 44.62 -20.60 -30.71
CA ALA B 323 46.67 -18.03 -28.86
CA ALA B 324 46.17 -20.11 -25.71
CA TYR B 325 46.97 -23.40 -27.18
CA ASN B 326 50.28 -21.94 -28.34
CA GLN B 327 51.44 -20.33 -25.18
CA VAL B 328 51.07 -23.84 -23.94
CA LYS B 329 52.78 -25.50 -26.88
CA THR B 330 55.64 -23.12 -26.40
CA ILE B 331 55.97 -24.18 -22.77
CA ALA B 332 56.21 -27.74 -23.95
CA GLN B 333 59.17 -26.79 -26.06
CA GLY B 334 61.51 -26.08 -23.16
CA ASN B 335 60.62 -22.38 -23.13
CA LEU B 336 60.10 -21.80 -19.33
CA SER B 337 62.49 -20.11 -16.91
CA ASN B 338 63.15 -21.29 -13.42
CA PRO B 339 62.02 -18.22 -11.49
CA ASP B 340 58.76 -18.77 -13.44
CA VAL B 341 58.19 -22.24 -12.02
CA GLN B 342 59.73 -20.99 -8.76
CA ALA B 343 56.83 -18.53 -8.46
CA ALA B 344 53.98 -20.78 -9.50
CA LYS B 345 55.10 -22.94 -6.60
CA ASN B 346 54.50 -20.00 -4.30
CA LYS B 347 51.28 -18.91 -5.98
CA LEU B 348 50.08 -22.54 -5.50
CA LYS B 349 51.66 -23.16 -2.05
CA ALA B 350 50.38 -19.75 -1.35
CA GLY B 351 46.86 -20.98 -2.20
CA TYR B 352 46.50 -24.38 -0.56
CA LEU B 353 47.54 -22.80 2.70
CA MET B 354 45.38 -19.82 2.13
CA SER B 355 42.74 -22.35 1.06
CA VAL B 356 42.58 -24.21 4.37
CA GLU B 357 42.66 -20.88 6.27
CA SER B 358 39.38 -21.71 8.01
CA SER B 359 36.73 -24.16 9.20
CA GLU B 360 34.58 -24.54 6.11
CA GLY B 361 37.79 -24.76 4.19
CA PHE B 362 40.03 -26.88 6.33
CA LEU B 363 37.09 -29.18 7.00
CA ASP B 364 36.49 -29.90 3.35
CA GLU B 365 40.19 -30.42 2.98
CA VAL B 366 40.42 -33.06 5.68
CA GLY B 367 37.07 -34.27 4.47
CA SER B 368 38.07 -35.13 0.94
CA GLN B 369 41.55 -36.09 1.98
CA ALA B 370 40.05 -38.87 3.99
CA LEU B 371 38.26 -40.30 0.92
CA ALA B 372 41.23 -39.64 -1.42
CA ALA B 373 43.79 -41.68 0.54
CA GLY B 374 42.60 -42.49 4.07
CA SER B 375 45.08 -40.25 5.74
CA TYR B 376 45.64 -36.61 6.47
CA THR B 377 48.92 -35.65 4.88
CA PRO B 378 49.42 -32.14 6.19
CA PRO B 379 50.63 -28.70 4.99
CA SER B 380 54.38 -28.95 5.61
CA THR B 381 54.44 -32.01 3.57
CA VAL B 382 51.75 -30.97 1.13
CA LEU B 383 54.18 -28.16 0.62
CA GLN B 384 57.11 -30.50 0.55
CA GLN B 385 55.19 -32.47 -2.10
CA ILE B 386 54.85 -29.34 -4.15
CA ASP B 387 58.60 -28.78 -4.09
CA ALA B 388 59.22 -32.33 -5.37
CA VAL B 389 57.84 -30.85 -8.47
CA ALA B 390 60.81 -30.29 -10.63
CA ASP B 391 60.92 -27.99 -13.62
CA ALA B 392 61.43 -30.75 -16.10
CA ASP B 393 58.13 -32.26 -14.96
CA VAL B 394 56.06 -29.09 -15.00
CA ILE B 395 57.19 -29.25 -18.60
CA ASN B 396 56.32 -32.83 -19.60
CA ALA B 397 52.87 -32.03 -18.11
CA ALA B 398 52.38 -29.52 -20.92
CA LYS B 399 54.06 -31.82 -23.38
CA LYS B 400 51.23 -34.17 -22.41
CA PHE B 401 48.40 -31.69 -22.83
CA VAL B 402 49.71 -30.86 -26.20
CA SER B 403 50.00 -34.46 -27.19
CA GLY B 404 46.73 -36.34 -26.55
CA ARG B 405 43.17 -36.73 -27.88
CA LYS B 406 41.73 -33.41 -26.67
CA SER B 407 38.15 -32.93 -25.56
CA MET B 408 36.33 -29.62 -26.01
CA ALA B 409 33.24 -27.76 -25.12
CA ALA B 410 31.95 -24.25 -25.75
CA SER B 411 28.88 -22.02 -26.04
CA GLY B 412 27.87 -18.63 -27.52
CA ASN B 413 28.00 -17.79 -31.26
CA LEU B 414 30.20 -20.64 -32.22
CA GLY B 415 30.84 -18.88 -35.45
CA HIS B 416 34.62 -18.61 -35.47
CA THR B 417 35.01 -21.18 -32.88
CA PRO B 418 37.36 -23.99 -34.05
CA PHE B 419 36.45 -27.73 -34.27
CA ILE B 420 39.79 -28.92 -32.77
CA ASP B 421 41.26 -30.37 -35.97
CA GLU B 422 40.90 -26.73 -36.88
CA LEU B 423 43.00 -26.04 -33.69
CA THR C 1 -1.43 -19.19 5.53
CA ASN C 2 -1.59 -15.35 6.23
CA ILE C 3 -2.70 -13.73 2.95
CA ARG C 4 -4.83 -10.45 3.28
CA LYS C 5 -8.17 -11.62 4.78
CA SER C 6 -9.72 -8.77 2.67
CA HIS C 7 -9.03 -10.59 -0.59
CA PRO C 8 -10.90 -13.93 0.10
CA LEU C 9 -14.51 -14.44 1.41
CA MET C 10 -17.28 -12.08 0.49
CA LYS C 11 -15.83 -8.95 2.00
CA ILE C 12 -14.01 -9.06 -1.30
CA VAL C 13 -17.34 -8.18 -2.93
CA ASN C 14 -16.47 -5.15 -0.93
CA ASN C 15 -13.00 -4.91 -2.55
CA ALA C 16 -9.75 -5.95 -0.94
CA PHE C 17 -7.35 -4.76 1.77
CA ILE C 18 -5.94 -3.36 -1.57
CA ASP C 19 -8.93 -1.48 -3.14
CA LEU C 20 -9.79 -0.95 -6.81
CA PRO C 21 -8.10 1.30 -9.42
CA ALA C 22 -9.79 4.62 -10.13
CA PRO C 23 -8.15 7.56 -12.00
CA SER C 24 -5.74 9.97 -10.26
CA ASN C 25 -7.45 13.11 -11.40
CA ILE C 26 -11.15 13.08 -10.99
CA SER C 27 -13.33 16.12 -10.52
CA SER C 28 -15.44 16.82 -7.51
CA TRP C 29 -18.00 16.67 -10.29
CA TRP C 30 -17.60 12.90 -9.67
CA ASN C 31 -18.90 12.77 -6.06
CA PHE C 32 -22.47 12.76 -7.31
CA GLY C 33 -22.98 9.05 -7.87
CA SER C 34 -21.37 8.77 -4.43
CA LEU C 35 -23.43 11.43 -2.69
CA LEU C 36 -26.26 10.07 -4.88
CA GLY C 37 -25.63 6.89 -2.93
CA ILE C 38 -25.83 8.64 0.42
CA CYS C 39 -29.10 10.36 -0.64
CA LEU C 40 -30.76 7.04 -1.31
CA ILE C 41 -29.78 5.92 2.20
CA LEU C 42 -30.25 9.22 4.22
CA GLN C 43 -33.69 9.26 2.78
CA ILE C 44 -35.05 5.65 2.59
CA LEU C 45 -34.25 5.60 6.29
CA THR C 46 -36.03 8.93 7.27
CA GLY C 47 -38.53 7.77 4.62
CA LEU C 48 -39.03 4.68 6.77
CA PHE C 49 -39.18 6.17 10.35
CA LEU C 50 -41.90 8.40 8.83
CA ALA C 51 -44.01 5.25 8.17
CA MET C 52 -43.86 4.13 11.86
CA HIS C 53 -45.95 7.32 12.49
CA TYR C 54 -48.00 7.71 9.25
CA THR C 55 -51.33 6.71 7.59
CA SER C 56 -52.65 6.52 3.97
CA ASP C 57 -56.38 5.89 3.33
CA THR C 58 -57.74 9.46 2.87
CA THR C 59 -59.42 10.94 5.98
CA THR C 60 -56.03 11.08 7.58
CA ALA C 61 -53.96 13.53 5.50
CA PHE C 62 -54.26 14.94 9.03
CA SER C 63 -52.15 12.44 10.94
CA SER C 64 -49.71 12.97 8.11
CA VAL C 65 -49.21 16.50 9.46
CA THR C 66 -49.50 15.75 13.18
CA HIS C 67 -46.08 14.14 13.02
CA ILE C 68 -44.09 17.38 12.93
CA CYS C 69 -45.57 18.72 16.21
CA ARG C 70 -46.40 15.80 18.46
CA ASP C 71 -43.69 13.18 17.55
CA VAL C 72 -41.68 12.96 20.81
CA ASN C 73 -40.19 16.30 19.83
CA TYR C 74 -38.36 15.24 16.66
CA GLY C 75 -41.02 14.25 14.20
CA TRP C 76 -40.56 17.65 12.63
CA ILE C 77 -36.94 17.09 11.56
CA ILE C 78 -37.76 13.76 9.91
CA ARG C 79 -40.46 15.14 7.66
CA TYR C 80 -38.40 18.15 6.59
CA MET C 81 -35.02 16.30 6.34
CA HIS C 82 -36.91 13.86 4.34
CA ALA C 83 -38.52 16.71 2.42
CA ASN C 84 -35.35 18.45 1.22
CA GLY C 85 -33.73 15.03 1.00
CA ALA C 86 -36.03 14.34 -1.91
CA SER C 87 -34.90 17.35 -3.93
CA MET C 88 -31.19 17.41 -2.97
CA PHE C 89 -31.44 13.85 -4.35
CA PHE C 90 -32.42 15.66 -7.57
CA ILE C 91 -29.83 18.37 -7.72
CA CYS C 92 -27.54 15.41 -7.38
CA LEU C 93 -29.40 13.08 -9.62
CA TYR C 94 -29.32 15.97 -12.16
CA MET C 95 -25.80 17.27 -11.97
CA HIS C 96 -24.79 13.56 -12.11
CA VAL C 97 -26.43 13.09 -15.49
CA GLY C 98 -24.82 16.42 -16.22
CA ARG C 99 -21.18 15.41 -15.80
CA GLY C 100 -22.40 12.42 -17.67
CA LEU C 101 -23.27 14.38 -20.75
CA TYR C 102 -20.35 16.85 -20.83
CA TYR C 103 -17.88 14.05 -20.35
CA GLY C 104 -18.54 11.21 -22.76
CA SER C 105 -19.42 8.83 -19.98
CA TYR C 106 -22.53 7.76 -21.80
CA THR C 107 -20.19 5.73 -23.96
CA PHE C 108 -20.67 3.03 -21.27
CA LEU C 109 -24.17 2.50 -22.63
CA GLU C 110 -24.72 -0.54 -20.45
CA THR C 111 -24.08 1.27 -17.22
CA TRP C 112 -25.61 4.44 -18.66
CA ASN C 113 -28.99 2.94 -19.60
CA ILE C 114 -29.36 1.45 -16.16
CA GLY C 115 -28.46 5.04 -15.32
CA VAL C 116 -31.62 6.10 -17.16
CA ILE C 117 -33.82 3.46 -15.53
CA LEU C 118 -32.71 4.86 -12.17
CA LEU C 119 -33.81 8.29 -13.36
CA LEU C 120 -37.34 7.35 -14.51
CA THR C 121 -37.65 5.29 -11.30
CA VAL C 122 -36.44 7.96 -8.92
CA MET C 123 -38.76 10.57 -10.52
CA ALA C 124 -41.59 8.08 -10.58
CA THR C 125 -40.78 7.43 -6.95
CA ALA C 126 -40.84 11.18 -5.92
CA PHE C 127 -44.12 11.84 -7.78
CA MET C 128 -45.88 9.29 -5.64
CA GLY C 129 -43.96 10.73 -2.74
CA TYR C 130 -45.51 14.22 -2.85
CA VAL C 131 -49.03 12.75 -3.12
CA LEU C 132 -49.14 10.90 0.25
CA PRO C 133 -49.86 14.05 2.36
CA TRP C 134 -52.56 15.06 -0.26
CA GLY C 135 -52.69 18.89 -0.48
CA GLN C 136 -51.95 20.04 -4.05
CA MET C 137 -50.71 16.94 -5.81
CA SER C 138 -54.30 15.70 -5.36
CA PHE C 139 -54.52 17.92 -8.33
CA TRP C 140 -51.22 17.28 -10.00
CA GLY C 141 -51.87 13.75 -8.77
CA ALA C 142 -54.91 14.04 -11.05
CA THR C 143 -53.12 15.75 -13.98
CA VAL C 144 -49.87 13.85 -14.35
CA ILE C 145 -51.72 10.63 -14.31
CA THR C 146 -54.45 11.77 -16.63
CA ASN C 147 -51.57 12.18 -19.04
CA LEU C 148 -51.66 8.45 -19.80
CA LEU C 149 -55.24 9.50 -20.75
CA SER C 150 -54.60 9.79 -24.45
CA ALA C 151 -52.43 6.72 -24.58
CA ILE C 152 -53.77 6.94 -28.17
CA PRO C 153 -56.85 5.15 -26.67
CA TYR C 154 -58.74 1.93 -27.22
CA ILE C 155 -56.60 1.91 -24.01
CA GLY C 156 -55.27 4.66 -21.78
CA THR C 157 -58.70 5.60 -20.58
CA ASN C 158 -59.06 2.26 -18.77
CA LEU C 159 -55.54 3.01 -17.52
CA VAL C 160 -56.04 6.39 -15.95
CA GLU C 161 -59.02 4.54 -14.36
CA TRP C 162 -57.08 1.49 -13.19
CA ILE C 163 -54.12 3.50 -11.87
CA TRP C 164 -56.90 5.17 -9.86
CA GLY C 165 -59.14 2.11 -9.53
CA GLY C 166 -60.98 3.93 -6.77
CA PHE C 167 -61.70 6.14 -9.81
CA SER C 168 -60.69 9.80 -9.61
CA VAL C 169 -58.73 9.62 -6.39
CA ASP C 170 -61.25 8.76 -3.57
CA LYS C 171 -59.45 6.93 -0.70
CA ALA C 172 -58.57 4.16 -3.22
CA THR C 173 -55.59 5.91 -4.67
CA LEU C 174 -53.87 7.53 -1.72
CA THR C 175 -53.02 4.03 -0.57
CA ARG C 176 -51.93 2.36 -3.82
CA PHE C 177 -49.26 4.94 -3.92
CA PHE C 178 -48.16 4.43 -0.31
CA ALA C 179 -47.26 0.88 -1.25
CA PHE C 180 -45.22 1.98 -4.18
CA HIS C 181 -43.63 4.88 -2.42
CA PHE C 182 -42.32 2.28 0.08
CA ILE C 183 -41.25 -0.59 -2.20
CA LEU C 184 -39.48 1.65 -4.77
CA PRO C 185 -36.53 3.02 -2.90
CA PHE C 186 -35.81 -0.72 -2.63
CA ILE C 187 -36.43 -1.87 -6.23
CA ILE C 188 -34.30 1.15 -7.06
CA MET C 189 -31.36 0.47 -4.73
CA ALA C 190 -31.14 -2.86 -6.47
CA ILE C 191 -30.75 -1.45 -9.98
CA ALA C 192 -28.24 0.83 -8.23
CA MET C 193 -26.04 -2.28 -7.77
CA VAL C 194 -26.41 -3.64 -11.34
CA HIS C 195 -25.70 -0.12 -12.37
CA LEU C 196 -22.69 0.10 -10.11
CA LEU C 197 -21.76 -3.48 -11.12
CA PHE C 198 -21.67 -2.91 -14.95
CA LEU C 199 -19.81 0.32 -14.37
CA HIS C 200 -17.08 -1.63 -12.55
CA GLU C 201 -16.40 -3.72 -15.64
CA THR C 202 -14.53 -0.49 -16.77
CA GLY C 203 -14.29 2.48 -14.53
CA SER C 204 -14.71 6.21 -14.36
CA ASN C 205 -13.62 8.29 -17.28
CA ASN C 206 -11.89 11.40 -16.21
CA PRO C 207 -12.39 14.96 -17.23
CA THR C 208 -9.71 14.27 -19.83
CA GLY C 209 -11.69 11.35 -21.16
CA ILE C 210 -8.50 9.72 -22.42
CA SER C 211 -7.40 6.79 -20.21
CA SER C 212 -6.31 6.35 -16.63
CA ASP C 213 -4.87 2.79 -17.04
CA VAL C 214 -1.58 4.36 -17.69
CA ASP C 215 -1.89 5.95 -14.24
CA LYS C 216 -4.36 4.96 -11.51
CA ILE C 217 -5.02 4.94 -7.84
CA PRO C 218 -6.75 2.87 -5.10
CA PHE C 219 -10.20 4.15 -4.48
CA HIS C 220 -9.21 4.05 -0.90
CA PRO C 221 -7.33 6.81 0.81
CA TYR C 222 -8.20 9.17 -1.98
CA TYR C 223 -11.81 8.67 -2.77
CA THR C 224 -12.98 7.89 0.69
CA ILE C 225 -11.56 11.10 2.01
CA LYS C 226 -12.98 12.62 -1.12
CA ASP C 227 -16.42 11.06 -0.90
CA ILE C 228 -16.45 11.93 2.84
CA LEU C 229 -15.69 15.68 2.76
CA GLY C 230 -17.96 15.36 -0.31
CA ALA C 231 -20.79 13.89 1.82
CA LEU C 232 -19.95 16.49 4.44
CA LEU C 233 -21.33 18.99 2.01
CA LEU C 234 -24.54 17.04 1.22
CA ILE C 235 -25.24 17.59 4.85
CA LEU C 236 -24.39 21.30 5.13
CA ALA C 237 -26.61 21.80 2.15
CA LEU C 238 -29.68 19.60 2.84
CA MET C 239 -29.30 20.49 6.51
CA LEU C 240 -29.64 24.22 5.91
CA LEU C 241 -32.44 23.86 3.45
CA VAL C 242 -34.18 21.84 6.28
CA LEU C 243 -33.34 23.89 9.38
CA PHE C 244 -32.89 27.53 8.32
CA ALA C 245 -35.48 27.17 5.47
CA PRO C 246 -37.61 23.96 5.70
CA ASP C 247 -40.02 24.87 3.05
CA LEU C 248 -38.81 26.13 -0.24
CA LEU C 249 -42.29 27.02 -1.17
CA GLY C 250 -44.47 24.33 -2.85
CA ASP C 251 -46.65 27.45 -2.10
CA PRO C 252 -48.45 25.19 0.47
CA ASP C 253 -50.47 21.98 -0.11
CA ASN C 254 -50.66 23.01 3.55
CA TYR C 255 -54.32 23.63 3.18
CA THR C 256 -55.58 20.12 2.55
CA PRO C 257 -57.64 18.23 -0.15
CA ALA C 258 -60.34 19.76 -2.32
CA ASN C 259 -62.13 19.61 -5.63
CA PRO C 260 -62.69 23.25 -6.86
CA LEU C 261 -59.30 23.72 -8.73
CA ASN C 262 -56.81 25.41 -6.35
CA THR C 263 -54.71 28.56 -6.47
CA PRO C 264 -53.82 28.10 -10.23
CA PRO C 265 -51.48 31.22 -10.47
CA HIS C 266 -49.61 28.18 -9.22
CA ILE C 267 -50.45 24.48 -10.15
CA LYS C 268 -47.21 23.06 -11.71
CA PRO C 269 -45.82 19.88 -10.03
CA GLU C 270 -42.55 20.33 -8.13
CA TRP C 271 -39.37 22.03 -9.34
CA TYR C 272 -37.46 18.89 -10.32
CA PHE C 273 -40.03 18.41 -13.13
CA LEU C 274 -40.75 21.97 -14.30
CA PHE C 275 -38.66 21.89 -17.51
CA ALA C 276 -40.57 18.67 -18.11
CA TYR C 277 -43.93 20.29 -17.52
CA ALA C 278 -42.82 23.32 -19.57
CA ILE C 279 -42.16 21.08 -22.54
CA LEU C 280 -45.61 19.56 -22.21
CA ARG C 281 -47.82 22.63 -22.41
CA SER C 282 -46.88 23.66 -25.93
CA ILE C 283 -50.51 23.36 -27.04
CA PRO C 284 -52.01 20.85 -29.60
CA ASN C 285 -52.94 17.26 -30.04
CA LYS C 286 -53.02 16.61 -26.26
CA LEU C 287 -50.80 13.52 -26.68
CA GLY C 288 -48.25 15.26 -28.75
CA GLY C 289 -47.82 16.94 -25.40
CA VAL C 290 -47.02 13.78 -23.51
CA LEU C 291 -45.57 11.97 -26.53
CA ALA C 292 -43.01 14.82 -26.41
CA LEU C 293 -43.04 15.15 -22.60
CA ALA C 294 -41.89 11.53 -22.79
CA PHE C 295 -39.22 11.92 -25.42
CA SER C 296 -38.21 14.78 -23.17
CA ILE C 297 -36.34 12.36 -21.01
CA LEU C 298 -36.44 9.17 -23.00
CA ILE C 299 -33.99 10.96 -25.30
CA LEU C 300 -31.26 10.50 -22.59
CA ALA C 301 -31.15 7.01 -24.16
CA LEU C 302 -30.67 8.11 -27.79
CA ILE C 303 -27.70 10.27 -26.77
CA PRO C 304 -24.70 7.92 -27.42
CA LEU C 305 -26.26 6.84 -30.74
CA LEU C 306 -25.58 10.56 -31.49
CA HIS C 307 -21.98 11.38 -30.70
CA THR C 308 -19.36 12.23 -33.28
CA SER C 309 -15.98 13.55 -32.17
CA LYS C 310 -12.95 11.51 -32.47
CA GLN C 311 -12.57 13.05 -28.96
CA ARG C 312 -14.48 11.68 -25.97
CA SER C 313 -14.66 14.59 -23.59
CA MET C 314 -15.86 18.12 -24.19
CA MET C 315 -12.82 19.13 -22.16
CA PHE C 316 -10.84 19.72 -25.34
CA ARG C 317 -13.44 21.06 -27.76
CA PRO C 318 -14.85 24.59 -27.03
CA LEU C 319 -17.30 24.68 -29.87
CA SER C 320 -19.20 21.96 -27.94
CA GLN C 321 -19.05 23.44 -24.39
CA CYS C 322 -21.03 26.56 -25.49
CA LEU C 323 -23.99 24.53 -26.81
CA PHE C 324 -23.82 22.37 -23.68
CA TRP C 325 -24.35 25.17 -21.21
CA ALA C 326 -26.95 26.34 -23.71
CA LEU C 327 -28.44 23.00 -22.93
CA VAL C 328 -28.05 23.82 -19.22
CA ALA C 329 -29.45 27.38 -19.69
CA ASP C 330 -32.19 26.32 -22.15
CA LEU C 331 -33.09 23.80 -19.46
CA LEU C 332 -32.61 26.53 -16.83
CA THR C 333 -35.29 28.36 -18.85
CA LEU C 334 -37.83 25.53 -19.41
CA THR C 335 -37.92 25.08 -15.66
CA TRP C 336 -38.43 28.81 -14.89
CA ILE C 337 -41.20 29.02 -17.55
CA GLY C 338 -42.70 25.89 -16.03
CA GLY C 339 -43.32 27.45 -12.64
CA GLN C 340 -45.36 30.07 -14.38
CA PRO C 341 -48.85 30.83 -15.72
CA VAL C 342 -49.71 30.22 -19.30
CA GLU C 343 -50.19 33.07 -21.83
CA HIS C 344 -48.78 36.20 -23.58
CA PRO C 345 -44.98 36.28 -23.10
CA TYR C 346 -44.39 32.90 -21.52
CA ILE C 347 -46.30 30.74 -23.93
CA THR C 348 -43.91 31.69 -26.76
CA ILE C 349 -40.57 31.77 -25.09
CA GLY C 350 -41.99 28.57 -23.66
CA GLN C 351 -42.77 27.23 -27.07
CA LEU C 352 -39.18 28.11 -28.09
CA ALA C 353 -36.81 26.48 -25.53
CA SER C 354 -38.92 23.47 -26.43
CA VAL C 355 -37.17 23.14 -29.82
CA LEU C 356 -33.85 24.54 -28.62
CA TYR C 357 -33.61 21.37 -26.49
CA PHE C 358 -34.72 18.97 -29.19
CA LEU C 359 -32.18 20.57 -31.49
CA LEU C 360 -29.27 21.54 -29.38
CA ILE C 361 -29.38 17.78 -28.47
CA LEU C 362 -31.08 15.99 -31.30
CA VAL C 363 -28.97 17.95 -33.92
CA LEU C 364 -26.78 20.98 -32.98
CA MET C 365 -24.48 19.12 -30.61
CA PRO C 366 -23.58 16.27 -32.95
CA THR C 367 -23.07 18.65 -35.79
CA ALA C 368 -20.86 20.81 -33.54
CA GLY C 369 -18.69 17.84 -32.99
CA THR C 370 -18.74 16.76 -36.59
CA ILE C 371 -17.54 20.24 -37.38
CA GLU C 372 -14.76 19.98 -34.79
CA ASN C 373 -13.32 16.80 -36.28
CA LYS C 374 -12.56 18.71 -39.47
CA LEU C 375 -10.72 21.49 -37.71
CA LEU C 376 -8.29 19.08 -36.12
CA LYS C 377 -7.91 17.54 -39.55
CA TRP C 378 -9.65 14.25 -38.43
CA GLU D 1 -60.57 47.53 14.20
CA VAL D 2 -61.41 46.92 17.86
CA LEU D 3 -59.16 46.33 20.89
CA GLU D 4 -59.18 43.88 23.86
CA PHE D 5 -57.89 43.75 27.46
CA ASP D 6 -54.98 42.31 29.65
CA ASP D 7 -51.47 43.44 30.50
CA GLY D 8 -50.15 46.21 28.26
CA THR D 9 -51.14 48.91 25.68
CA PRO D 10 -53.35 47.57 22.82
CA ALA D 11 -53.38 49.32 19.44
CA THR D 12 -56.85 49.15 17.89
CA MET D 13 -55.59 47.12 14.94
CA SER D 14 -51.83 47.83 14.86
CA GLN D 15 -50.68 45.66 17.77
CA VAL D 16 -53.69 43.42 17.72
CA ALA D 17 -52.41 42.31 14.25
CA LYS D 18 -48.68 41.79 15.10
CA ASP D 19 -49.80 39.65 18.06
CA VAL D 20 -52.29 37.29 16.39
CA CYS D 21 -49.96 37.08 13.41
CA THR D 22 -46.95 36.15 15.57
CA PHE D 23 -48.97 33.48 17.30
CA LEU D 24 -50.53 32.63 13.94
CA ARG D 25 -47.11 31.18 12.81
CA TRP D 26 -48.05 28.22 14.97
CA ALA D 27 -49.07 26.42 11.89
CA ALA D 28 -45.34 25.56 12.23
CA GLU D 29 -44.62 24.63 15.85
CA PRO D 30 -41.87 26.25 17.99
CA GLU D 31 -39.59 24.32 15.75
CA HIS D 32 -37.86 27.78 15.66
CA ASP D 33 -36.18 27.76 19.07
CA HIS D 34 -34.98 24.21 18.22
CA ARG D 35 -34.80 24.54 14.39
CA LYS D 36 -33.11 27.88 14.33
CA ARG D 37 -31.17 26.80 17.44
CA MET D 38 -29.77 23.46 16.24
CA GLY D 39 -29.16 25.52 13.14
CA LEU D 40 -26.80 27.69 15.15
CA LYS D 41 -24.83 24.66 16.40
CA MET D 42 -24.60 23.05 12.90
CA LEU D 43 -23.20 26.26 11.48
CA LEU D 44 -20.31 25.97 13.96
CA MET D 45 -19.43 22.27 14.06
CA MET D 46 -19.58 22.36 10.26
CA GLY D 47 -17.86 25.65 10.64
CA LEU D 48 -15.31 23.55 12.44
CA LEU D 49 -15.56 20.21 10.60
CA LEU D 50 -15.25 21.43 7.04
CA PRO D 51 -11.93 22.96 7.79
CA LEU D 52 -11.20 19.68 9.69
CA VAL D 53 -12.29 16.94 7.26
CA TYR D 54 -10.76 19.06 4.51
CA ALA D 55 -7.59 19.38 6.47
CA MET D 56 -7.13 15.54 6.23
CA LYS D 57 -8.20 15.07 2.53
CA ARG D 58 -5.49 17.35 1.31
CA HIS D 59 -3.33 15.69 4.03
CA LYS D 60 -3.35 12.45 2.08
CA TRP D 61 -3.14 13.75 -1.54
CA SER D 62 -0.10 15.68 -0.30
CA VAL D 63 1.52 12.50 -1.67
CA LEU D 64 -0.19 12.47 -5.04
CA LYS D 65 -0.30 16.23 -5.49
CA SER D 66 3.29 16.88 -4.46
CA ARG D 67 4.14 13.96 -6.82
CA LYS D 68 6.94 14.40 -9.40
CA LEU D 69 7.62 12.51 -12.65
CA ALA D 70 10.65 12.00 -14.86
CA TYR D 71 11.04 9.89 -18.05
CA ARG D 72 14.40 8.25 -18.92
CA PRO D 73 13.64 6.11 -22.08
CA PRO D 74 16.59 4.07 -23.16
CA LYS D 75 18.79 6.24 -25.40
CA SER E 1 23.95 5.72 -15.06
CA HIS E 2 21.04 5.18 -12.67
CA THR E 3 23.51 7.03 -10.42
CA ASP E 4 22.67 10.19 -12.48
CA ILE E 5 19.08 9.98 -11.46
CA LYS E 6 18.29 11.99 -8.47
CA VAL E 7 15.46 12.88 -6.25
CA PRO E 8 14.23 16.37 -7.25
CA ASP E 9 14.12 19.13 -4.66
CA PHE E 10 11.21 19.33 -2.21
CA SER E 11 12.09 22.34 -0.01
CA ASP E 12 9.25 23.93 -1.97
CA TYR E 13 6.97 21.55 0.10
CA ARG E 14 8.94 20.00 3.01
CA ARG E 15 7.24 21.08 6.20
CA PRO E 16 9.41 23.26 8.47
CA GLU E 17 11.24 21.25 11.20
CA VAL E 18 11.94 18.87 8.34
CA LEU E 19 14.24 21.00 6.25
CA ASP E 20 17.84 20.71 7.14
CA SER E 21 20.52 18.19 6.21
CA THR E 22 22.22 19.58 9.28
CA LYS E 23 20.14 17.65 11.87
CA SER E 24 17.82 14.63 12.26
CA SER E 25 14.15 14.51 11.83
CA LYS E 26 12.43 12.45 14.60
CA GLU E 27 13.13 15.40 16.90
CA SER E 28 10.30 16.85 14.81
CA SER E 29 8.22 13.78 13.94
CA GLU E 30 5.96 13.46 16.97
CA ALA E 31 5.11 17.11 16.31
CA ARG E 32 4.07 16.73 12.66
CA LYS E 33 3.03 13.34 13.89
CA GLY E 34 0.94 14.33 16.83
CA PHE E 35 -0.54 17.27 14.96
CA SER E 36 -2.16 15.79 11.83
CA TYR E 37 -3.32 13.02 14.09
CA LEU E 38 -4.87 15.30 16.69
CA VAL E 39 -6.69 16.92 13.82
CA THR E 40 -8.45 13.76 12.76
CA ALA E 41 -8.86 12.79 16.44
CA THR E 42 -10.56 16.14 17.05
CA THR E 43 -12.54 15.62 13.81
CA THR E 44 -14.01 12.29 14.79
CA VAL E 45 -14.98 13.89 18.13
CA GLY E 46 -17.09 16.37 16.17
CA VAL E 47 -18.73 13.50 14.27
CA ALA E 48 -19.06 11.85 17.61
CA TYR E 49 -21.22 14.81 18.70
CA ALA E 50 -23.32 14.92 15.53
CA ALA E 51 -23.45 11.16 15.39
CA LYS E 52 -24.88 10.95 18.88
CA ASN E 53 -27.71 13.41 18.23
CA VAL E 54 -28.98 12.26 14.82
CA VAL E 55 -29.14 8.83 16.51
CA SER E 56 -30.62 9.99 19.84
CA GLN E 57 -32.83 12.42 18.05
CA PHE E 58 -33.99 9.59 15.74
CA VAL E 59 -34.21 6.78 18.19
CA SER E 60 -35.73 9.03 20.79
CA SER E 61 -38.72 9.51 18.46
CA MET E 62 -40.72 6.82 20.24
CA SER E 63 -43.43 7.99 22.73
CA ALA E 64 -45.41 10.75 20.94
CA SER E 65 -46.41 13.54 23.38
CA ALA E 66 -49.96 12.95 22.02
CA ASP E 67 -49.64 10.09 24.52
CA VAL E 68 -48.42 11.29 27.92
CA LEU E 69 -51.78 12.68 29.15
CA ALA E 70 -52.85 10.99 32.54
CA MET E 71 -56.33 12.18 33.91
CA SER E 72 -58.14 9.21 35.51
CA LYS E 73 -58.92 9.16 39.37
CA ILE E 74 -62.20 7.66 38.10
CA GLU E 75 -65.34 8.43 40.11
CA ILE E 76 -65.99 5.05 41.78
CA LYS E 77 -69.29 4.90 43.72
CA LEU E 78 -68.27 1.72 45.76
CA SER E 79 -71.08 0.40 48.09
CA ASP E 80 -72.58 1.18 44.67
CA ILE E 81 -71.11 -2.21 43.44
CA PRO E 82 -72.27 -5.19 45.67
CA GLU E 83 -69.52 -6.86 47.90
CA GLY E 84 -67.06 -7.51 45.07
CA LYS E 85 -67.77 -7.84 41.37
CA ASN E 86 -64.25 -7.03 40.07
CA MET E 87 -64.62 -3.44 38.79
CA ALA E 88 -61.96 -2.73 36.09
CA PHE E 89 -61.82 0.73 34.46
CA LYS E 90 -59.13 2.58 32.42
CA TRP E 91 -56.60 4.44 34.56
CA ARG E 92 -54.56 6.67 32.30
CA GLY E 93 -55.42 3.59 30.20
CA LYS E 94 -54.86 0.12 31.79
CA PRO E 95 -57.78 -2.02 33.26
CA LEU E 96 -58.39 -1.22 37.00
CA PHE E 97 -59.63 -4.49 38.61
CA VAL E 98 -61.54 -3.17 41.72
CA ARG E 99 -63.20 -6.34 43.04
CA HIS E 100 -64.59 -5.65 46.47
CA ARG E 101 -63.74 -7.69 49.54
CA THR E 102 -66.40 -9.93 51.16
CA LYS E 103 -65.46 -10.92 54.76
CA LYS E 104 -64.94 -14.67 54.06
CA GLU E 105 -62.69 -14.00 50.94
CA ILE E 106 -61.05 -11.33 53.15
CA ASP E 107 -60.15 -14.05 55.66
CA GLN E 108 -58.90 -15.86 52.56
CA GLU E 109 -56.38 -12.99 52.01
CA ALA E 110 -56.09 -11.78 55.65
CA ALA E 111 -54.68 -15.34 55.78
CA VAL E 112 -51.46 -16.32 53.95
CA GLU E 113 -47.71 -17.10 54.56
CA VAL E 114 -45.37 -14.06 54.30
CA SER E 115 -42.41 -16.41 54.99
CA GLN E 116 -43.15 -18.24 51.67
CA LEU E 117 -43.68 -15.23 49.29
CA ARG E 118 -42.14 -13.21 46.39
CA ASP E 119 -42.95 -9.69 47.75
CA PRO E 120 -42.91 -8.73 51.57
CA GLN E 121 -46.67 -8.27 52.23
CA HIS E 122 -50.15 -9.28 53.60
CA ASP E 123 -53.60 -8.35 52.11
CA LEU E 124 -54.23 -5.73 54.80
CA GLU E 125 -50.56 -4.60 54.79
CA ARG E 126 -51.22 -3.71 51.17
CA VAL E 127 -54.83 -2.45 51.31
CA LYS E 128 -55.64 0.31 53.86
CA LYS E 129 -59.45 -0.51 53.72
CA PRO E 130 -59.51 -4.29 54.88
CA GLU E 131 -62.67 -5.36 52.95
CA TRP E 132 -61.94 -2.62 50.46
CA VAL E 133 -59.14 -3.35 47.95
CA ILE E 134 -58.80 -1.43 44.64
CA LEU E 135 -56.51 -3.50 42.40
CA ILE E 136 -55.08 -2.90 38.94
CA GLY E 137 -55.67 -5.60 36.31
CA VAL E 138 -52.36 -6.32 34.45
CA CYS E 139 -49.84 -9.01 35.72
CA THR E 140 -46.18 -8.36 36.57
CA HIS E 141 -45.01 -11.08 34.05
CA LEU E 142 -47.04 -9.75 31.07
CA GLY E 143 -50.67 -9.05 29.93
CA CYS E 144 -52.99 -11.64 31.45
CA VAL E 145 -55.39 -9.31 33.27
CA PRO E 146 -56.00 -11.69 36.37
CA ILE E 147 -59.33 -12.61 34.69
CA ALA E 148 -62.07 -12.50 37.42
CA ASN E 149 -61.87 -16.13 38.93
CA ALA E 150 -60.82 -19.48 37.15
CA GLY E 151 -57.50 -19.55 38.99
CA ASP E 152 -56.38 -21.12 42.27
CA PHE E 153 -56.34 -18.97 45.47
CA GLY E 154 -58.79 -16.15 46.32
CA GLY E 155 -60.30 -16.12 42.83
CA TYR E 156 -57.85 -14.44 40.42
CA TYR E 157 -55.86 -16.07 37.63
CA CYS E 158 -53.05 -14.58 35.50
CA PRO E 159 -53.44 -16.11 31.94
CA CYS E 160 -51.42 -15.09 28.82
CA HIS E 161 -50.21 -18.64 29.51
CA GLY E 162 -51.06 -19.83 33.02
CA SER E 163 -50.18 -17.78 36.17
CA HIS E 164 -52.04 -17.64 39.52
CA TYR E 165 -53.56 -14.88 41.66
CA ASP E 166 -56.10 -14.74 44.52
CA ALA E 167 -58.14 -12.01 46.30
CA SER E 168 -55.27 -9.46 46.42
CA GLY E 169 -53.69 -10.47 43.08
CA ARG E 170 -50.88 -12.16 45.01
CA ILE E 171 -48.29 -14.29 43.12
CA ARG E 172 -49.54 -17.74 44.02
CA LYS E 173 -47.96 -20.30 41.78
CA GLY E 174 -45.74 -19.64 38.70
CA PRO E 175 -45.44 -16.86 36.03
CA ALA E 176 -46.23 -13.73 38.12
CA PRO E 177 -42.95 -12.23 39.45
CA LEU E 178 -45.12 -10.13 41.92
CA ASN E 179 -48.67 -9.43 43.33
CA LEU E 180 -50.41 -6.95 40.88
CA GLU E 181 -50.81 -3.17 41.42
CA VAL E 182 -52.58 -1.33 44.27
CA PRO E 183 -53.83 1.87 42.45
CA SER E 184 -52.94 3.76 45.73
CA TYR E 185 -56.52 2.37 45.72
CA GLU E 186 -57.61 5.52 47.69
CA PHE E 187 -61.27 6.59 48.22
CA THR E 188 -63.29 9.85 48.90
CA SER E 189 -65.75 9.00 51.72
CA ASP E 190 -66.74 5.43 52.72
CA ASP E 191 -68.95 4.17 49.81
CA MET E 192 -67.38 6.93 47.80
CA VAL E 193 -63.94 6.22 46.44
CA ILE E 194 -61.43 7.56 43.89
CA VAL E 195 -58.11 5.90 42.81
CA GLY E 196 -54.74 6.96 44.27
CA ALA F 1 -2.67 30.97 -51.35
CA SER F 2 -4.38 32.74 -48.41
CA SER F 3 -5.96 29.47 -47.30
CA ARG F 4 -3.24 30.35 -44.86
CA TRP F 5 -6.29 31.93 -43.27
CA LEU F 6 -8.03 28.54 -43.31
CA GLU F 7 -4.99 27.32 -41.36
CA GLY F 8 -6.01 30.35 -39.36
CA ILE F 9 -9.23 28.94 -38.03
CA ARG F 10 -7.39 25.73 -37.21
CA LYS F 11 -4.25 26.83 -35.34
CA TRP F 12 -6.68 29.03 -33.43
CA TYR F 13 -9.01 26.16 -32.63
CA TYR F 14 -5.96 24.08 -31.63
CA ASN F 15 -4.80 26.55 -28.98
CA ALA F 16 -8.53 26.72 -28.30
CA ALA F 17 -9.02 22.97 -28.15
CA GLY F 18 -6.75 22.87 -25.09
CA PHE F 19 -4.28 19.92 -25.55
CA ASN F 20 -1.17 22.04 -25.69
CA LYS F 21 -1.14 23.43 -22.16
CA LEU F 22 -1.30 19.75 -21.14
CA GLY F 23 1.93 18.78 -22.91
CA LEU F 24 -0.33 16.67 -25.10
CA MET F 25 -0.41 15.97 -28.80
CA ARG F 26 -3.36 15.45 -31.08
CA ASP F 27 -3.52 11.68 -31.26
CA ASP F 28 -3.14 11.15 -27.51
CA THR F 29 -6.75 12.28 -27.48
CA ILE F 30 -8.75 9.95 -29.69
CA HIS F 31 -11.78 7.78 -28.68
CA GLU F 32 -10.10 4.46 -28.18
CA ASN F 33 -12.73 2.43 -29.94
CA ASP F 34 -11.23 -0.90 -31.04
CA ASP F 35 -10.10 0.34 -34.43
CA VAL F 36 -8.03 2.78 -32.39
CA LYS F 37 -7.05 0.14 -29.95
CA GLU F 38 -4.98 -1.89 -32.39
CA ALA F 39 -3.32 1.29 -33.57
CA ILE F 40 -1.96 1.98 -30.19
CA ARG F 41 -1.32 -1.72 -30.50
CA ARG F 42 0.69 -1.68 -33.67
CA LEU F 43 2.69 1.24 -32.37
CA PRO F 44 6.50 0.77 -32.45
CA GLU F 45 8.25 0.63 -29.13
CA ASN F 46 9.43 4.24 -28.72
CA LEU F 47 6.09 5.77 -29.87
CA TYR F 48 4.02 3.82 -27.31
CA ASP F 49 6.72 4.50 -24.78
CA ASP F 50 6.21 8.19 -25.48
CA ARG F 51 2.40 8.43 -25.92
CA VAL F 52 2.20 6.71 -22.57
CA PHE F 53 4.37 9.21 -20.95
CA ARG F 54 2.59 12.25 -22.20
CA ILE F 55 -0.93 11.01 -21.69
CA LYS F 56 0.38 10.18 -18.28
CA ARG F 57 1.39 13.80 -17.70
CA ALA F 58 -1.89 15.17 -18.98
CA LEU F 59 -3.45 13.33 -16.11
CA ASP F 60 -0.88 14.42 -13.58
CA LEU F 61 -1.78 17.90 -14.54
CA SER F 62 -5.58 17.44 -14.65
CA MET F 63 -5.16 16.01 -11.20
CA ARG F 64 -3.66 19.16 -9.83
CA GLN F 65 -5.58 21.46 -12.14
CA GLN F 66 -2.54 23.12 -13.70
CA ILE F 67 -1.00 23.33 -17.16
CA LEU F 68 2.62 23.20 -18.01
CA PRO F 69 4.18 26.64 -18.57
CA LYS F 70 4.02 27.98 -22.08
CA GLU F 71 7.09 27.16 -24.20
CA GLN F 72 6.26 23.64 -23.22
CA TRP F 73 2.87 23.43 -24.88
CA THR F 74 2.64 21.17 -27.93
CA LYS F 75 3.11 23.68 -30.68
CA TYR F 76 0.51 23.42 -33.45
CA GLU F 77 1.58 21.68 -36.64
CA GLU F 78 4.85 20.55 -35.06
CA ASP F 79 2.27 18.13 -33.74
CA LYS F 80 3.05 14.78 -35.26
CA SER F 81 0.20 12.43 -36.19
CA TYR F 82 2.16 9.24 -35.41
CA LEU F 83 -1.12 7.39 -34.89
CA GLU F 84 -2.68 8.38 -38.21
CA PRO F 85 -0.99 5.87 -40.48
CA TYR F 86 -1.77 2.72 -38.49
CA LEU F 87 -5.20 3.90 -37.61
CA LYS F 88 -5.80 4.31 -41.32
CA GLU F 89 -4.43 0.94 -42.15
CA VAL F 90 -6.38 -0.65 -39.21
CA ILE F 91 -9.47 0.72 -40.73
CA ARG F 92 -8.60 -0.39 -44.18
CA GLU F 93 -8.16 -4.04 -43.26
CA ARG F 94 -11.41 -3.88 -41.36
CA LYS F 95 -13.38 -2.34 -44.22
CA GLU F 96 -11.91 -5.00 -46.44
CA ARG F 97 -13.40 -7.51 -44.15
CA GLU F 98 -16.82 -5.85 -43.93
CA GLU F 99 -16.55 -6.05 -47.70
CA TRP F 100 -16.48 -9.87 -47.92
CA ALA F 101 -19.15 -10.16 -45.28
CA LYS F 102 -21.32 -8.92 -48.14
CA LYS F 103 -20.96 -11.16 -51.17
CA GLY G 1 -13.10 -6.23 -12.80
CA ARG G 2 -9.56 -5.20 -13.87
CA GLN G 3 -7.38 -5.06 -10.67
CA PHE G 4 -3.97 -3.57 -9.82
CA GLY G 5 -1.26 -5.40 -11.82
CA HIS G 6 -3.07 -6.07 -15.05
CA LEU G 7 -3.89 -2.53 -16.17
CA THR G 8 -1.29 -1.81 -18.84
CA ARG G 9 2.36 -2.00 -20.07
CA VAL G 10 4.49 0.89 -18.92
CA ARG G 11 8.10 1.80 -19.09
CA HIS G 12 10.51 4.36 -17.78
CA VAL G 13 8.65 6.49 -15.32
CA ILE G 14 10.54 7.13 -12.17
CA THR G 15 7.99 8.66 -9.78
CA TYR G 16 9.29 10.48 -6.70
CA SER G 17 6.95 11.05 -3.77
CA LEU G 18 7.20 12.20 -0.18
CA SER G 19 5.20 11.55 2.94
CA PRO G 20 2.19 13.55 4.03
CA PHE G 21 3.80 13.64 7.48
CA GLU G 22 6.50 15.73 5.76
CA GLN G 23 4.90 18.56 3.75
CA ARG G 24 1.80 20.78 3.76
CA ALA G 25 -1.82 20.06 2.72
CA PHE G 26 -1.81 23.69 1.62
CA PRO G 27 1.67 24.41 0.11
CA HIS G 28 1.45 27.94 -1.12
CA TYR G 29 -2.36 27.90 -1.10
CA PHE G 30 -3.07 31.56 -0.48
CA SER G 31 -0.19 32.74 -2.59
CA LYS G 32 0.28 30.61 -5.75
CA GLY G 33 -3.17 29.06 -5.22
CA ILE G 34 -5.88 31.69 -5.76
CA PRO G 35 -4.48 33.17 -9.02
CA ASN G 36 -5.15 29.74 -10.41
CA VAL G 37 -8.91 29.89 -9.68
CA LEU G 38 -8.46 32.88 -11.93
CA ARG G 39 -6.32 32.12 -14.94
CA ARG G 40 -8.82 29.33 -14.84
CA THR G 41 -12.12 31.14 -14.62
CA ARG G 42 -10.88 33.17 -17.60
CA ALA G 43 -10.14 30.00 -19.56
CA CYS G 44 -13.80 29.09 -19.97
CA ILE G 45 -15.75 32.14 -18.97
CA LEU G 46 -16.49 32.86 -22.54
CA ARG G 47 -17.79 29.32 -22.86
CA VAL G 48 -20.13 29.40 -19.88
CA ALA G 49 -21.06 33.01 -19.14
CA PRO G 50 -22.73 33.82 -22.49
CA PRO G 51 -25.28 31.09 -22.87
CA PHE G 52 -26.14 31.95 -19.31
CA VAL G 53 -26.93 35.67 -19.63
CA ALA G 54 -29.17 35.07 -22.66
CA PHE G 55 -31.14 33.09 -20.08
CA TYR G 56 -30.63 36.01 -17.79
CA LEU G 57 -31.78 38.64 -20.33
CA VAL G 58 -34.69 36.57 -21.69
CA TYR G 59 -35.66 36.11 -18.06
CA THR G 60 -36.06 39.75 -16.87
CA TRP G 61 -37.46 40.90 -20.17
CA GLY G 62 -39.85 37.96 -19.99
CA THR G 63 -41.54 39.28 -16.86
CA GLN G 64 -41.45 42.93 -17.94
CA GLU G 65 -43.52 42.13 -21.01
CA PHE G 66 -45.80 40.03 -18.88
CA GLU G 67 -46.22 42.68 -16.13
CA LYS G 68 -46.79 44.90 -19.18
CA SER G 69 -50.43 43.89 -19.11
CA LYS G 70 -51.50 46.72 -16.80
CA THR H 1 -50.27 53.90 11.99
CA THR H 2 -49.06 57.26 10.63
CA VAL H 3 -48.83 58.81 7.15
CA ARG H 4 -45.38 60.16 6.33
CA GLU H 5 -46.63 59.74 2.65
CA GLN H 6 -43.53 61.49 1.08
CA CYS H 7 -41.87 62.23 -2.31
CA GLU H 8 -43.32 59.42 -4.47
CA GLN H 9 -46.50 60.02 -2.51
CA LEU H 10 -48.48 62.37 -4.80
CA GLU H 11 -48.27 59.28 -6.88
CA LYS H 12 -52.07 59.36 -6.10
CA CYS H 13 -52.42 62.24 -8.59
CA VAL H 14 -52.81 59.32 -11.00
CA LYS H 15 -55.58 58.27 -8.57
CA ALA H 16 -57.18 61.75 -8.34
CA ARG H 17 -56.29 62.70 -11.94
CA GLU H 18 -58.36 59.63 -12.74
CA ARG H 19 -60.52 59.58 -9.60
CA LEU H 20 -61.62 62.61 -11.67
CA GLU H 21 -62.36 60.01 -14.42
CA LEU H 22 -65.71 59.53 -12.60
CA CYS H 23 -65.95 63.29 -13.33
CA ASP H 24 -66.64 61.73 -16.76
CA GLU H 25 -69.33 59.39 -15.18
CA ARG H 26 -70.84 58.20 -18.53
CA VAL H 27 -70.77 54.74 -16.79
CA SER H 28 -70.60 52.80 -20.12
CA SER H 29 -66.88 51.92 -19.43
CA ARG H 30 -64.40 51.26 -16.54
CA SER H 31 -60.90 52.41 -15.33
CA GLN H 32 -60.96 52.03 -11.54
CA THR H 33 -58.23 50.26 -9.48
CA GLU H 34 -55.00 52.23 -9.92
CA GLU H 35 -54.68 52.57 -6.12
CA ASP H 36 -52.30 49.60 -5.73
CA CYS H 37 -49.22 51.62 -6.73
CA THR H 38 -50.48 54.25 -4.24
CA GLU H 39 -50.91 51.38 -1.74
CA GLU H 40 -47.56 49.81 -2.86
CA LEU H 41 -45.78 53.09 -2.21
CA LEU H 42 -47.81 53.96 0.91
CA ASP H 43 -47.45 50.49 2.40
CA PHE H 44 -43.72 50.38 1.37
CA LEU H 45 -42.42 53.45 3.35
CA HIS H 46 -45.39 52.38 5.49
CA ALA H 47 -43.34 49.22 6.08
CA ARG H 48 -40.15 50.83 7.39
CA ASP H 49 -43.16 51.90 9.56
CA HIS H 50 -42.44 48.45 10.97
CA CYS H 51 -38.97 50.17 11.27
CA VAL H 52 -41.20 52.74 13.03
CA ALA H 53 -43.06 50.00 14.86
CA HIS H 54 -39.38 49.30 15.90
CA LYS H 55 -37.97 52.39 17.71
CA LEU H 56 -41.15 51.71 19.75
CA PHE H 57 -39.92 48.01 19.94
CA ASN H 58 -37.28 48.46 22.72
CA SER H 59 -39.88 50.85 24.25
CA LEU H 60 -42.95 48.57 24.11
CA GLY I 1 35.22 -28.96 -10.97
CA VAL I 2 37.42 -25.74 -11.03
CA ALA I 3 39.06 -23.12 -13.31
CA GLY I 4 37.10 -21.00 -15.74
CA ALA I 5 37.86 -17.40 -14.81
CA LEU I 6 34.97 -14.94 -14.16
CA ARG I 7 34.58 -12.57 -17.08
CA PRO I 8 36.36 -9.27 -17.53
CA LEU I 9 36.82 -6.06 -15.64
CA VAL I 10 34.69 -4.94 -18.71
CA GLN I 11 31.05 -6.02 -19.58
CA ALA I 12 29.12 -8.45 -17.25
CA ALA I 13 25.43 -7.68 -16.08
CA VAL I 14 23.28 -10.42 -14.22
CA PRO I 15 19.46 -11.27 -14.51
CA ALA I 16 16.50 -12.53 -12.38
CA THR I 17 13.91 -14.88 -14.24
CA SER I 18 14.06 -17.64 -11.67
CA GLU I 19 16.60 -16.21 -9.20
CA SER I 20 18.02 -16.81 -5.73
CA PRO I 21 20.36 -14.13 -4.22
CA VAL I 22 24.21 -13.90 -3.83
CA LEU I 23 26.13 -11.84 -1.27
CA ASP I 24 27.38 -9.06 -3.65
CA LEU I 25 28.07 -6.66 -0.71
CA LYS I 26 30.24 -3.58 -1.40
CA ARG I 27 33.00 -5.78 0.28
CA SER I 28 34.72 -8.73 -1.58
CA THR J 1 3.16 20.26 23.93
CA LEU J 2 1.92 17.61 21.48
CA THR J 3 4.74 15.46 20.16
CA ALA J 4 4.77 15.33 23.90
CA ARG J 5 1.68 14.45 25.74
CA LEU J 6 -0.28 14.15 22.53
CA TYR J 7 1.67 11.68 20.34
CA SER J 8 4.12 10.11 22.80
CA LEU J 9 1.26 9.78 25.37
CA LEU J 10 -1.97 8.89 23.60
CA PHE J 11 -1.69 9.02 19.83
CA ARG J 12 0.38 5.85 19.54
CA ARG J 13 -2.05 2.90 19.84
CA THR J 14 -5.54 3.21 18.63
CA SER J 15 -6.18 2.43 22.25
CA THR J 16 -5.15 5.54 24.16
CA PHE J 17 -6.25 7.30 21.00
CA ALA J 18 -9.74 5.81 20.90
CA LEU J 19 -9.72 6.06 24.68
CA THR J 20 -8.91 9.79 24.51
CA ILE J 21 -11.05 10.65 21.53
CA VAL J 22 -13.97 9.20 23.42
CA VAL J 23 -12.92 10.93 26.71
CA GLY J 24 -12.84 14.24 24.92
CA ALA J 25 -16.13 13.03 23.53
CA LEU J 26 -19.00 13.28 26.04
CA PHE J 27 -16.83 15.75 27.97
CA PHE J 28 -16.76 18.18 25.12
CA GLU J 29 -20.32 17.44 24.26
CA ARG J 30 -21.06 19.56 27.30
CA ALA J 31 -18.45 22.18 26.64
CA PHE J 32 -19.91 22.88 23.14
CA ASP J 33 -23.61 21.83 23.33
CA ASN J 34 -23.19 24.38 26.16
CA GLY J 35 -21.90 27.61 24.56
CA ALA J 36 -24.38 27.02 21.72
CA ASP J 37 -27.28 27.64 24.16
CA ALA J 38 -25.21 30.25 26.05
CA ILE J 39 -25.27 32.21 22.88
CA TYR J 40 -28.51 31.06 21.41
CA GLU J 41 -29.91 32.83 24.45
CA HIS J 42 -28.53 36.28 23.59
CA ILE J 43 -31.41 36.37 21.05
CA ASN J 44 -34.52 34.42 19.68
CA GLU J 45 -35.48 33.90 16.08
CA GLY J 46 -39.22 34.08 15.24
CA LYS J 47 -39.18 37.90 15.59
CA LEU J 48 -38.81 41.36 13.90
CA TRP J 49 -40.26 42.10 10.47
CA LYS J 50 -41.18 44.09 7.37
CA HIS J 51 -41.21 44.21 3.51
CA ILE J 52 -44.87 43.91 2.51
CA LYS J 53 -46.78 41.76 -0.09
CA HIS J 54 -47.42 41.88 -3.91
CA LYS J 55 -50.91 42.18 -5.67
CA TYR J 56 -52.30 43.19 -9.10
CA GLU J 57 -54.89 42.48 -11.90
CA ASN J 58 -56.94 39.47 -12.92
CA LYS J 59 -57.09 37.10 -16.01
CA MET K 1 -12.67 -30.18 22.30
CA LEU K 2 -10.14 -27.34 22.00
CA THR K 3 -6.38 -27.02 22.88
CA ARG K 4 -2.95 -26.30 21.50
CA PHE K 5 -3.16 -23.51 23.97
CA LEU K 6 -1.50 -22.87 27.34
CA GLY K 7 2.17 -23.47 26.78
CA PRO K 8 4.93 -21.04 27.66
CA ARG K 9 4.57 -19.05 24.38
CA TYR K 10 0.74 -19.23 24.20
CA ARG K 11 0.44 -17.73 27.70
CA GLN K 12 2.97 -15.07 26.85
CA LEU K 13 0.75 -14.00 24.01
CA ALA K 14 -1.83 -12.83 26.46
CA ARG K 15 0.49 -10.96 28.86
CA ASN K 16 1.22 -8.72 25.82
CA TRP K 17 -2.36 -8.04 24.85
CA VAL K 18 -3.97 -7.82 28.21
CA PRO K 19 -2.43 -4.40 28.79
CA THR K 20 -3.98 -3.39 25.44
CA ALA K 21 -7.12 -5.53 25.55
CA GLN K 22 -7.81 -4.10 29.04
CA LEU K 23 -7.52 -0.39 28.19
CA TRP K 24 -9.27 -1.04 24.89
CA GLY K 25 -12.56 -1.82 26.68
CA ALA K 26 -12.49 1.13 29.02
CA VAL K 27 -13.00 2.76 25.65
CA GLY K 28 -16.06 0.85 24.39
CA ALA K 29 -16.92 1.05 28.08
CA VAL K 30 -17.05 4.85 28.52
CA GLY K 31 -18.68 4.89 25.15
CA LEU K 32 -21.71 3.01 26.50
CA VAL K 33 -21.82 6.00 28.88
CA SER K 34 -22.92 7.98 25.78
CA ALA K 35 -26.47 6.90 26.52
CA THR K 36 -25.96 9.72 29.11
CA ASP K 37 -24.68 7.90 32.21
CA SER K 38 -27.02 7.88 35.12
CA ARG K 39 -23.89 8.07 37.31
CA LEU K 40 -21.49 11.04 37.76
CA ILE K 41 -19.20 10.82 40.86
CA LEU K 42 -15.99 12.81 39.68
CA ASP K 43 -17.04 15.14 36.74
CA TRP K 44 -19.21 17.99 35.58
CA VAL K 45 -22.98 17.24 35.95
CHA HEM L . -21.85 6.52 -12.28
CHB HEM L . -24.81 6.09 -8.39
CHC HEM L . -28.47 7.35 -11.36
CHD HEM L . -25.50 7.46 -15.24
C1A HEM L . -22.39 6.27 -11.04
C2A HEM L . -21.52 6.14 -9.93
C3A HEM L . -22.27 6.02 -8.86
C4A HEM L . -23.67 6.02 -9.32
CMA HEM L . -21.70 6.03 -7.43
CAA HEM L . -20.02 6.10 -9.97
CBA HEM L . -19.30 7.28 -10.63
CGA HEM L . -19.61 8.58 -9.91
O1A HEM L . -20.80 8.99 -9.88
O2A HEM L . -18.66 9.18 -9.36
C1B HEM L . -26.12 6.43 -8.82
C2B HEM L . -27.37 6.62 -8.04
C3B HEM L . -28.35 6.74 -8.97
C4B HEM L . -27.75 6.88 -10.25
CMB HEM L . -27.61 6.99 -6.58
CAB HEM L . -29.74 6.61 -8.88
CBB HEM L . -30.52 5.68 -7.97
C1C HEM L . -27.92 7.66 -12.66
C2C HEM L . -28.73 8.33 -13.82
C3C HEM L . -27.93 8.33 -14.87
C4C HEM L . -26.58 7.66 -14.43
CMC HEM L . -30.19 8.84 -13.93
CAC HEM L . -28.33 9.01 -16.01
CBC HEM L . -29.23 8.45 -17.09
C1D HEM L . -24.27 7.09 -14.72
C2D HEM L . -23.11 6.86 -15.63
C3D HEM L . -22.01 6.78 -14.84
C4D HEM L . -22.54 6.84 -13.41
CMD HEM L . -23.24 6.54 -17.15
CAD HEM L . -20.59 6.78 -15.41
CBD HEM L . -19.82 7.54 -14.37
CGD HEM L . -18.43 7.97 -14.78
O1D HEM L . -17.55 7.09 -14.92
O2D HEM L . -18.19 9.20 -14.92
NA HEM L . -23.71 6.22 -10.72
NB HEM L . -26.38 6.66 -10.24
NC HEM L . -26.56 7.32 -13.02
ND HEM L . -23.95 6.95 -13.32
FE HEM L . -25.15 6.60 -11.81
#